data_6EYU
#
_entry.id   6EYU
#
_cell.length_a   64.010
_cell.length_b   93.870
_cell.length_c   196.210
_cell.angle_alpha   90.000
_cell.angle_beta   90.000
_cell.angle_gamma   90.000
#
_symmetry.space_group_name_H-M   'P 21 21 21'
#
loop_
_entity.id
_entity.type
_entity.pdbx_description
1 polymer Bacteriorhodopsin
2 non-polymer RETINAL
3 non-polymer EICOSANE
4 non-polymer '[(2~{S})-2,3-bis(oxidanyl)propyl] (~{E})-undec-2-enoate'
5 water water
#
_entity_poly.entity_id   1
_entity_poly.type   'polypeptide(L)'
_entity_poly.pdbx_seq_one_letter_code
;MVYEAITAGGFGSQPFILAYIITAMISGLLFLYLPRKLDVPQKFGIIHFFIVVWSGLMYTNFLNQSFLSDYAWYMDWMVS
TPLILLALGLTAFHGADTKRYDLLGALLGAEFTLVITGLLAQAQGSITPYYVGVLLLLGVVYLLAKPFREIAEESSDGLA
RAYKILAGYIGIFFLSYPTVWYISGIDALPGSLNILDPTQTSIALVVLPFFCKQVYGFLDMYLIHKAELEHH
;
_entity_poly.pdbx_strand_id   A,B,C
#
loop_
_chem_comp.id
_chem_comp.type
_chem_comp.name
_chem_comp.formula
LFA non-polymer EICOSANE 'C20 H42'
MUN non-polymer '[(2~{S})-2,3-bis(oxidanyl)propyl] (~{E})-undec-2-enoate' 'C14 H26 O4'
RET non-polymer RETINAL 'C20 H28 O'
#
# COMPACT_ATOMS: atom_id res chain seq x y z
N MET A 1 8.00 -11.61 21.27
CA MET A 1 7.40 -11.81 22.62
C MET A 1 6.87 -10.50 23.18
N VAL A 2 6.65 -9.53 22.30
CA VAL A 2 6.31 -8.18 22.72
C VAL A 2 4.98 -8.16 23.47
N TYR A 3 3.95 -8.75 22.86
CA TYR A 3 2.64 -8.84 23.50
C TYR A 3 2.75 -9.46 24.89
N GLU A 4 3.46 -10.58 24.97
CA GLU A 4 3.51 -11.37 26.19
C GLU A 4 4.16 -10.56 27.32
N ALA A 5 5.24 -9.86 26.99
CA ALA A 5 5.96 -9.06 27.97
C ALA A 5 5.08 -7.93 28.48
N ILE A 6 4.40 -7.26 27.56
CA ILE A 6 3.60 -6.08 27.88
C ILE A 6 2.42 -6.46 28.77
N THR A 7 1.75 -7.55 28.40
CA THR A 7 0.48 -7.91 29.03
C THR A 7 0.71 -8.85 30.21
N ALA A 8 1.94 -9.32 30.35
CA ALA A 8 2.28 -10.26 31.41
C ALA A 8 2.21 -9.58 32.77
N GLY A 9 1.85 -10.35 33.80
CA GLY A 9 1.59 -9.79 35.11
C GLY A 9 0.41 -8.83 35.10
N GLY A 10 0.63 -7.63 35.63
CA GLY A 10 -0.46 -6.71 35.93
C GLY A 10 -1.04 -6.09 34.67
N PHE A 11 -0.26 -6.10 33.59
CA PHE A 11 -0.61 -5.38 32.37
C PHE A 11 -0.93 -3.92 32.69
N GLY A 12 0.07 -3.21 33.21
CA GLY A 12 -0.16 -1.91 33.83
C GLY A 12 -0.46 -0.82 32.83
N SER A 13 -0.27 -1.13 31.54
CA SER A 13 -0.42 -0.13 30.49
C SER A 13 -1.83 -0.16 29.92
N GLN A 14 -2.63 -1.14 30.34
CA GLN A 14 -3.89 -1.44 29.67
C GLN A 14 -4.85 -0.26 29.73
N PRO A 15 -4.86 0.45 30.87
CA PRO A 15 -5.71 1.63 30.98
C PRO A 15 -5.32 2.71 29.98
N PHE A 16 -4.03 2.97 29.85
CA PHE A 16 -3.53 3.96 28.89
C PHE A 16 -3.90 3.54 27.47
N ILE A 17 -3.70 2.26 27.16
CA ILE A 17 -4.05 1.73 25.85
C ILE A 17 -5.55 1.87 25.60
N LEU A 18 -6.35 1.67 26.64
CA LEU A 18 -7.78 1.90 26.55
C LEU A 18 -8.08 3.38 26.36
N ALA A 19 -7.58 4.21 27.27
CA ALA A 19 -7.82 5.64 27.21
C ALA A 19 -7.38 6.20 25.86
N TYR A 20 -6.35 5.60 25.28
CA TYR A 20 -5.84 6.05 23.99
C TYR A 20 -6.83 5.72 22.88
N ILE A 21 -7.33 4.48 22.88
CA ILE A 21 -8.22 4.03 21.82
C ILE A 21 -9.53 4.81 21.85
N ILE A 22 -10.04 5.07 23.04
CA ILE A 22 -11.32 5.74 23.20
C ILE A 22 -11.23 7.19 22.74
N THR A 23 -10.14 7.85 23.09
CA THR A 23 -9.92 9.25 22.71
C THR A 23 -9.64 9.35 21.21
N ALA A 24 -9.04 8.31 20.65
CA ALA A 24 -8.73 8.28 19.23
C ALA A 24 -10.02 8.23 18.41
N MET A 25 -10.91 7.30 18.75
CA MET A 25 -12.19 7.20 18.08
C MET A 25 -12.96 8.51 18.19
N ILE A 26 -12.93 9.12 19.37
CA ILE A 26 -13.68 10.34 19.63
C ILE A 26 -13.08 11.53 18.89
N SER A 27 -11.76 11.68 19.00
CA SER A 27 -11.03 12.67 18.22
C SER A 27 -11.35 12.53 16.73
N GLY A 28 -11.45 11.28 16.27
CA GLY A 28 -11.70 11.00 14.86
C GLY A 28 -13.02 11.59 14.38
N LEU A 29 -14.08 11.28 15.11
CA LEU A 29 -15.39 11.85 14.82
C LEU A 29 -15.30 13.37 14.75
N LEU A 30 -14.57 13.97 15.70
CA LEU A 30 -14.47 15.41 15.79
C LEU A 30 -13.72 15.97 14.59
N PHE A 31 -12.64 15.31 14.19
CA PHE A 31 -11.82 15.76 13.07
C PHE A 31 -12.67 15.91 11.81
N LEU A 32 -13.60 14.98 11.62
CA LEU A 32 -14.45 15.00 10.43
C LEU A 32 -15.38 16.20 10.45
N TYR A 33 -15.78 16.62 11.66
CA TYR A 33 -16.74 17.70 11.81
C TYR A 33 -16.05 19.05 11.76
N LEU A 34 -14.78 19.07 12.17
CA LEU A 34 -14.10 20.33 12.47
C LEU A 34 -13.94 21.18 11.21
N PRO A 35 -13.68 20.53 10.07
CA PRO A 35 -13.35 21.30 8.88
C PRO A 35 -14.49 22.23 8.44
N ARG A 36 -15.72 21.79 8.61
CA ARG A 36 -16.88 22.59 8.19
C ARG A 36 -17.08 23.77 9.14
N LYS A 37 -16.56 23.65 10.35
CA LYS A 37 -16.75 24.65 11.39
C LYS A 37 -15.67 25.73 11.32
N LEU A 38 -14.56 25.41 10.66
CA LEU A 38 -13.34 26.20 10.79
C LEU A 38 -12.97 26.82 9.43
N ASP A 39 -13.74 26.50 8.40
CA ASP A 39 -13.35 26.80 7.03
C ASP A 39 -11.91 26.33 6.78
N VAL A 40 -11.65 25.09 7.21
CA VAL A 40 -10.42 24.39 6.85
C VAL A 40 -10.76 23.27 5.88
N PRO A 41 -9.89 23.04 4.88
CA PRO A 41 -10.27 22.10 3.84
C PRO A 41 -10.59 20.71 4.38
N GLN A 42 -11.68 20.12 3.89
CA GLN A 42 -12.19 18.87 4.44
C GLN A 42 -11.10 17.82 4.50
N LYS A 43 -10.14 17.92 3.59
CA LYS A 43 -9.12 16.88 3.44
C LYS A 43 -8.32 16.73 4.73
N PHE A 44 -8.11 17.83 5.44
CA PHE A 44 -7.35 17.81 6.68
C PHE A 44 -8.09 17.01 7.75
N GLY A 45 -9.41 17.17 7.79
CA GLY A 45 -10.26 16.33 8.62
C GLY A 45 -10.15 14.86 8.26
N ILE A 46 -10.28 14.56 6.97
CA ILE A 46 -10.16 13.19 6.50
C ILE A 46 -8.87 12.56 7.02
N ILE A 47 -7.76 13.24 6.79
CA ILE A 47 -6.45 12.66 7.02
C ILE A 47 -6.21 12.41 8.51
N HIS A 48 -6.65 13.36 9.33
CA HIS A 48 -6.50 13.25 10.78
C HIS A 48 -7.46 12.20 11.35
N PHE A 49 -8.64 12.10 10.75
CA PHE A 49 -9.57 11.03 11.08
C PHE A 49 -8.87 9.68 10.97
N PHE A 50 -8.21 9.44 9.84
CA PHE A 50 -7.63 8.13 9.56
C PHE A 50 -6.43 7.86 10.44
N ILE A 51 -5.69 8.92 10.78
CA ILE A 51 -4.52 8.78 11.63
C ILE A 51 -4.90 8.14 12.96
N VAL A 52 -5.91 8.70 13.63
CA VAL A 52 -6.25 8.28 14.98
C VAL A 52 -7.04 6.97 14.96
N VAL A 53 -7.92 6.82 13.97
CA VAL A 53 -8.76 5.64 13.87
C VAL A 53 -7.92 4.40 13.54
N TRP A 54 -7.04 4.54 12.56
CA TRP A 54 -6.12 3.46 12.21
C TRP A 54 -5.23 3.11 13.38
N SER A 55 -4.67 4.14 14.02
CA SER A 55 -3.82 3.94 15.20
C SER A 55 -4.61 3.25 16.31
N GLY A 56 -5.79 3.76 16.59
CA GLY A 56 -6.68 3.13 17.56
C GLY A 56 -6.89 1.66 17.28
N LEU A 57 -7.26 1.35 16.03
CA LEU A 57 -7.52 -0.03 15.65
C LEU A 57 -6.33 -0.92 15.95
N MET A 58 -5.15 -0.49 15.50
CA MET A 58 -3.95 -1.33 15.60
C MET A 58 -3.63 -1.63 17.06
N TYR A 59 -4.07 -0.75 17.96
CA TYR A 59 -3.72 -0.87 19.37
C TYR A 59 -4.64 -1.84 20.09
N THR A 60 -5.74 -2.21 19.45
CA THR A 60 -6.62 -3.25 19.99
C THR A 60 -5.90 -4.60 20.03
N ASN A 61 -4.72 -4.65 19.42
CA ASN A 61 -3.94 -5.88 19.37
C ASN A 61 -3.09 -6.05 20.63
N PHE A 62 -3.11 -5.03 21.50
CA PHE A 62 -2.53 -5.17 22.83
C PHE A 62 -3.60 -5.59 23.84
N LEU A 63 -4.86 -5.34 23.51
CA LEU A 63 -5.97 -5.73 24.38
C LEU A 63 -6.38 -7.18 24.11
N ASN A 64 -6.03 -7.67 22.93
CA ASN A 64 -6.41 -9.02 22.51
C ASN A 64 -5.33 -9.63 21.64
N GLN A 65 -4.62 -10.62 22.17
CA GLN A 65 -3.49 -11.20 21.46
C GLN A 65 -3.91 -11.62 20.05
N SER A 66 -3.04 -11.34 19.09
CA SER A 66 -3.21 -11.82 17.74
C SER A 66 -1.84 -12.00 17.10
N PHE A 67 -1.81 -12.49 15.86
CA PHE A 67 -0.56 -12.70 15.15
C PHE A 67 0.10 -11.36 14.84
N LEU A 68 -0.70 -10.30 14.85
CA LEU A 68 -0.23 -8.95 14.55
C LEU A 68 0.37 -8.30 15.80
N SER A 69 0.04 -8.83 16.97
CA SER A 69 0.21 -8.10 18.22
C SER A 69 1.68 -7.68 18.41
N ASP A 70 2.58 -8.62 18.19
CA ASP A 70 4.00 -8.40 18.46
C ASP A 70 4.54 -7.25 17.63
N TYR A 71 3.79 -6.86 16.60
CA TYR A 71 4.28 -5.92 15.60
C TYR A 71 3.30 -4.78 15.39
N ALA A 72 2.49 -4.50 16.41
CA ALA A 72 1.34 -3.62 16.25
C ALA A 72 1.78 -2.18 16.05
N TRP A 73 2.80 -1.76 16.80
CA TRP A 73 3.34 -0.41 16.66
C TRP A 73 3.74 -0.14 15.22
N TYR A 74 4.35 -1.12 14.59
CA TYR A 74 4.80 -0.99 13.20
C TYR A 74 3.61 -0.95 12.24
N MET A 75 2.65 -1.84 12.47
CA MET A 75 1.42 -1.85 11.68
C MET A 75 0.71 -0.51 11.80
N ASP A 76 0.86 0.13 12.95
CA ASP A 76 0.24 1.44 13.18
C ASP A 76 1.01 2.54 12.46
N TRP A 77 2.24 2.78 12.90
CA TRP A 77 3.03 3.88 12.38
C TRP A 77 3.25 3.71 10.88
N MET A 78 3.04 2.48 10.41
CA MET A 78 3.31 2.13 9.02
C MET A 78 2.44 2.94 8.08
N VAL A 79 1.24 3.31 8.54
CA VAL A 79 0.36 4.15 7.74
C VAL A 79 -0.05 5.43 8.46
N SER A 80 -0.03 5.41 9.79
CA SER A 80 -0.42 6.58 10.57
C SER A 80 0.55 7.74 10.33
N THR A 81 1.84 7.43 10.29
CA THR A 81 2.88 8.46 10.41
C THR A 81 3.20 9.08 9.05
N PRO A 82 2.99 8.33 7.96
CA PRO A 82 2.99 8.98 6.67
C PRO A 82 1.83 9.97 6.49
N LEU A 83 0.73 9.69 7.17
CA LEU A 83 -0.44 10.56 7.08
C LEU A 83 -0.23 11.83 7.88
N ILE A 84 0.29 11.68 9.10
CA ILE A 84 0.75 12.82 9.89
C ILE A 84 1.58 13.75 9.03
N LEU A 85 2.41 13.19 8.16
CA LEU A 85 3.33 13.97 7.35
C LEU A 85 2.63 14.54 6.12
N LEU A 86 1.74 13.74 5.53
CA LEU A 86 0.85 14.24 4.50
C LEU A 86 0.20 15.53 4.95
N ALA A 87 -0.31 15.53 6.17
CA ALA A 87 -0.96 16.71 6.74
C ALA A 87 0.02 17.88 6.80
N LEU A 88 1.17 17.64 7.40
CA LEU A 88 2.24 18.64 7.44
C LEU A 88 2.52 19.18 6.05
N GLY A 89 2.77 18.26 5.11
CA GLY A 89 3.08 18.63 3.74
C GLY A 89 1.99 19.49 3.13
N LEU A 90 0.75 19.08 3.31
CA LEU A 90 -0.39 19.77 2.70
C LEU A 90 -0.62 21.12 3.35
N THR A 91 -0.42 21.17 4.66
CA THR A 91 -0.39 22.45 5.37
C THR A 91 0.56 23.42 4.68
N ALA A 92 1.80 23.00 4.48
CA ALA A 92 2.80 23.82 3.81
C ALA A 92 2.31 24.21 2.41
N PHE A 93 1.71 23.26 1.72
CA PHE A 93 1.26 23.48 0.35
C PHE A 93 0.08 24.45 0.32
N HIS A 94 -0.55 24.62 1.47
CA HIS A 94 -1.91 25.16 1.52
C HIS A 94 -1.98 26.55 0.92
N GLY A 95 -0.96 27.36 1.21
CA GLY A 95 -0.96 28.77 0.80
C GLY A 95 -0.05 29.03 -0.39
N ALA A 96 0.67 27.99 -0.82
CA ALA A 96 1.88 28.19 -1.61
C ALA A 96 1.61 28.09 -3.10
N ASP A 97 2.53 28.65 -3.88
CA ASP A 97 2.41 28.67 -5.34
C ASP A 97 2.81 27.32 -5.94
N THR A 98 3.98 26.83 -5.54
CA THR A 98 4.50 25.59 -6.10
C THR A 98 4.21 24.42 -5.17
N LYS A 99 3.45 23.45 -5.68
CA LYS A 99 3.27 22.18 -4.99
C LYS A 99 4.23 21.13 -5.53
N ARG A 100 5.13 20.66 -4.69
CA ARG A 100 6.14 19.68 -5.09
C ARG A 100 5.79 18.30 -4.55
N TYR A 101 5.01 17.55 -5.33
CA TYR A 101 4.42 16.32 -4.84
C TYR A 101 5.44 15.19 -4.82
N ASP A 102 6.62 15.45 -5.38
CA ASP A 102 7.73 14.50 -5.30
C ASP A 102 8.40 14.55 -3.94
N LEU A 103 8.46 15.73 -3.36
CA LEU A 103 8.90 15.88 -1.97
C LEU A 103 7.88 15.27 -1.02
N LEU A 104 6.60 15.41 -1.35
CA LEU A 104 5.55 14.75 -0.59
C LEU A 104 5.71 13.23 -0.65
N GLY A 105 5.99 12.72 -1.85
CA GLY A 105 6.28 11.31 -2.03
C GLY A 105 7.53 10.88 -1.27
N ALA A 106 8.59 11.68 -1.39
CA ALA A 106 9.83 11.41 -0.67
C ALA A 106 9.58 11.45 0.84
N LEU A 107 8.86 12.45 1.30
CA LEU A 107 8.53 12.58 2.72
C LEU A 107 7.80 11.33 3.21
N LEU A 108 6.75 10.93 2.48
CA LEU A 108 5.92 9.81 2.89
C LEU A 108 6.69 8.51 2.80
N GLY A 109 7.50 8.38 1.77
CA GLY A 109 8.21 7.13 1.50
C GLY A 109 9.33 6.87 2.49
N ALA A 110 10.05 7.93 2.85
CA ALA A 110 11.08 7.85 3.88
C ALA A 110 10.47 7.39 5.21
N GLU A 111 9.33 7.96 5.55
CA GLU A 111 8.65 7.62 6.80
C GLU A 111 8.27 6.15 6.83
N PHE A 112 7.62 5.70 5.76
CA PHE A 112 7.10 4.34 5.68
C PHE A 112 8.26 3.34 5.71
N THR A 113 9.29 3.62 4.92
CA THR A 113 10.50 2.80 4.91
C THR A 113 11.15 2.79 6.29
N LEU A 114 11.05 3.94 6.95
CA LEU A 114 11.74 4.18 8.21
C LEU A 114 11.06 3.42 9.35
N VAL A 115 9.75 3.22 9.20
CA VAL A 115 9.01 2.35 10.11
C VAL A 115 9.31 0.89 9.84
N ILE A 116 9.52 0.55 8.57
CA ILE A 116 9.76 -0.84 8.20
C ILE A 116 11.11 -1.34 8.70
N THR A 117 12.07 -0.42 8.81
CA THR A 117 13.36 -0.76 9.42
C THR A 117 13.17 -1.21 10.86
N GLY A 118 12.36 -0.47 11.60
CA GLY A 118 12.01 -0.85 12.97
C GLY A 118 11.48 -2.28 13.04
N LEU A 119 10.65 -2.64 12.07
CA LEU A 119 10.02 -3.96 12.04
C LEU A 119 11.05 -5.02 11.65
N LEU A 120 11.93 -4.66 10.73
CA LEU A 120 13.02 -5.55 10.33
C LEU A 120 13.97 -5.79 11.50
N ALA A 121 14.32 -4.72 12.20
CA ALA A 121 15.23 -4.81 13.34
C ALA A 121 14.69 -5.83 14.35
N GLN A 122 13.44 -5.66 14.76
CA GLN A 122 12.82 -6.58 15.71
C GLN A 122 12.80 -7.99 15.15
N ALA A 123 12.39 -8.12 13.89
CA ALA A 123 12.19 -9.43 13.29
C ALA A 123 13.54 -10.13 13.09
N GLN A 124 14.59 -9.34 12.90
CA GLN A 124 15.92 -9.88 12.63
C GLN A 124 16.71 -10.08 13.92
N GLY A 125 16.26 -9.44 14.99
CA GLY A 125 17.08 -9.30 16.19
C GLY A 125 18.40 -8.59 15.91
N SER A 126 18.37 -7.65 14.97
CA SER A 126 19.58 -6.95 14.55
C SER A 126 19.34 -5.44 14.55
N ILE A 127 20.35 -4.69 14.95
CA ILE A 127 20.22 -3.25 15.11
C ILE A 127 20.53 -2.51 13.82
N THR A 128 20.99 -3.25 12.81
CA THR A 128 21.48 -2.64 11.59
C THR A 128 20.40 -1.77 10.95
N PRO A 129 19.22 -2.35 10.69
CA PRO A 129 18.16 -1.62 10.00
C PRO A 129 17.71 -0.39 10.77
N TYR A 130 17.70 -0.48 12.10
CA TYR A 130 17.42 0.66 12.95
C TYR A 130 18.26 1.87 12.53
N TYR A 131 19.49 1.60 12.10
CA TYR A 131 20.43 2.67 11.81
C TYR A 131 20.09 3.36 10.50
N VAL A 132 19.65 2.58 9.52
CA VAL A 132 19.09 3.13 8.29
C VAL A 132 17.89 4.03 8.60
N GLY A 133 17.00 3.53 9.46
CA GLY A 133 15.85 4.32 9.90
C GLY A 133 16.25 5.70 10.40
N VAL A 134 17.20 5.73 11.32
CA VAL A 134 17.62 6.98 11.93
C VAL A 134 18.12 7.96 10.87
N LEU A 135 18.99 7.48 9.99
CA LEU A 135 19.39 8.24 8.81
C LEU A 135 18.17 8.76 8.08
N LEU A 136 17.27 7.85 7.71
CA LEU A 136 16.07 8.20 6.97
C LEU A 136 15.29 9.29 7.68
N LEU A 137 15.20 9.18 9.00
CA LEU A 137 14.42 10.13 9.79
C LEU A 137 15.07 11.51 9.78
N LEU A 138 16.39 11.53 9.72
CA LEU A 138 17.12 12.79 9.57
C LEU A 138 16.96 13.34 8.16
N GLY A 139 16.74 12.44 7.21
CA GLY A 139 16.21 12.82 5.90
C GLY A 139 14.88 13.55 6.03
N VAL A 140 13.99 12.98 6.83
CA VAL A 140 12.65 13.54 7.01
C VAL A 140 12.72 14.91 7.66
N VAL A 141 13.38 14.98 8.81
CA VAL A 141 13.57 16.26 9.49
C VAL A 141 14.17 17.28 8.53
N TYR A 142 15.16 16.85 7.76
CA TYR A 142 15.79 17.72 6.77
C TYR A 142 14.74 18.27 5.82
N LEU A 143 14.01 17.39 5.15
CA LEU A 143 12.94 17.79 4.25
C LEU A 143 12.06 18.85 4.92
N LEU A 144 11.44 18.48 6.03
CA LEU A 144 10.58 19.40 6.77
C LEU A 144 11.29 20.74 6.98
N ALA A 145 12.54 20.68 7.41
CA ALA A 145 13.22 21.86 7.93
C ALA A 145 13.53 22.84 6.81
N LYS A 146 13.72 22.32 5.60
CA LYS A 146 14.20 23.15 4.49
C LYS A 146 13.15 23.28 3.40
N PRO A 147 13.18 22.36 2.41
CA PRO A 147 12.40 22.54 1.19
C PRO A 147 10.91 22.76 1.48
N PHE A 148 10.37 22.04 2.45
CA PHE A 148 8.98 22.23 2.85
C PHE A 148 8.79 23.57 3.53
N ARG A 149 9.82 24.01 4.27
CA ARG A 149 9.79 25.30 4.92
C ARG A 149 9.81 26.43 3.89
N GLU A 150 10.64 26.29 2.88
CA GLU A 150 10.71 27.27 1.79
C GLU A 150 9.34 27.41 1.13
N ILE A 151 8.66 26.28 0.94
CA ILE A 151 7.38 26.28 0.25
C ILE A 151 6.29 26.92 1.12
N ALA A 152 6.41 26.73 2.43
CA ALA A 152 5.50 27.38 3.38
C ALA A 152 5.71 28.90 3.36
N GLU A 153 6.96 29.32 3.25
CA GLU A 153 7.29 30.74 3.25
C GLU A 153 6.86 31.40 1.94
N GLU A 154 6.44 30.59 0.99
CA GLU A 154 5.84 31.10 -0.24
C GLU A 154 4.48 31.73 0.04
N SER A 155 3.85 31.30 1.14
CA SER A 155 2.47 31.67 1.42
C SER A 155 2.40 32.92 2.28
N SER A 156 1.23 33.17 2.84
CA SER A 156 1.04 34.27 3.79
C SER A 156 1.83 34.01 5.07
N ASP A 157 2.04 35.07 5.84
CA ASP A 157 2.84 34.98 7.06
C ASP A 157 2.17 34.09 8.09
N GLY A 158 0.84 34.17 8.17
CA GLY A 158 0.07 33.32 9.07
C GLY A 158 0.22 31.85 8.75
N LEU A 159 0.12 31.51 7.47
CA LEU A 159 0.25 30.13 7.02
C LEU A 159 1.68 29.64 7.23
N ALA A 160 2.64 30.48 6.89
CA ALA A 160 4.05 30.12 7.03
C ALA A 160 4.40 29.86 8.49
N ARG A 161 3.88 30.70 9.38
CA ARG A 161 4.09 30.53 10.81
C ARG A 161 3.44 29.24 11.30
N ALA A 162 2.22 29.00 10.85
CA ALA A 162 1.51 27.76 11.17
C ALA A 162 2.39 26.55 10.89
N TYR A 163 2.91 26.47 9.67
CA TYR A 163 3.69 25.32 9.25
C TYR A 163 4.90 25.14 10.15
N LYS A 164 5.63 26.21 10.39
CA LYS A 164 6.91 26.14 11.09
C LYS A 164 6.70 25.68 12.54
N ILE A 165 5.62 26.14 13.15
CA ILE A 165 5.23 25.67 14.48
C ILE A 165 4.99 24.16 14.46
N LEU A 166 4.10 23.73 13.57
CA LEU A 166 3.76 22.31 13.46
C LEU A 166 5.01 21.49 13.14
N ALA A 167 5.79 21.94 12.16
CA ALA A 167 6.97 21.21 11.74
C ALA A 167 7.93 21.00 12.91
N GLY A 168 8.06 22.03 13.75
CA GLY A 168 8.82 21.91 14.99
C GLY A 168 8.22 20.89 15.93
N TYR A 169 6.98 21.14 16.34
CA TYR A 169 6.22 20.19 17.14
C TYR A 169 6.51 18.76 16.72
N ILE A 170 6.24 18.45 15.46
CA ILE A 170 6.22 17.05 15.01
C ILE A 170 7.63 16.51 14.82
N GLY A 171 8.54 17.37 14.40
CA GLY A 171 9.95 17.01 14.31
C GLY A 171 10.49 16.51 15.64
N ILE A 172 10.41 17.35 16.66
CA ILE A 172 10.89 17.01 17.99
C ILE A 172 10.32 15.68 18.46
N PHE A 173 9.00 15.52 18.29
CA PHE A 173 8.30 14.35 18.83
C PHE A 173 8.72 13.09 18.09
N PHE A 174 9.01 13.23 16.80
CA PHE A 174 9.36 12.08 15.97
C PHE A 174 10.69 11.48 16.41
N LEU A 175 11.54 12.32 17.00
CA LEU A 175 12.88 11.90 17.40
C LEU A 175 12.84 11.10 18.69
N SER A 176 11.78 11.28 19.47
CA SER A 176 11.66 10.64 20.77
C SER A 176 11.47 9.14 20.61
N TYR A 177 10.97 8.72 19.46
CA TYR A 177 10.48 7.36 19.27
C TYR A 177 11.63 6.37 19.12
N PRO A 178 12.58 6.68 18.23
CA PRO A 178 13.78 5.85 18.11
C PRO A 178 14.60 5.83 19.41
N THR A 179 14.36 6.81 20.27
CA THR A 179 15.02 6.86 21.57
C THR A 179 14.38 5.88 22.55
N VAL A 180 13.07 5.98 22.71
CA VAL A 180 12.35 5.07 23.59
C VAL A 180 12.46 3.63 23.11
N TRP A 181 12.40 3.45 21.79
CA TRP A 181 12.54 2.13 21.19
C TRP A 181 13.88 1.51 21.57
N TYR A 182 14.92 2.33 21.57
CA TYR A 182 16.29 1.84 21.74
C TYR A 182 16.54 1.47 23.20
N ILE A 183 16.04 2.30 24.12
CA ILE A 183 16.35 2.12 25.54
C ILE A 183 15.37 1.15 26.19
N SER A 184 14.32 0.78 25.46
CA SER A 184 13.35 -0.18 25.97
C SER A 184 13.99 -1.55 26.16
N GLY A 185 13.61 -2.23 27.23
CA GLY A 185 14.21 -3.50 27.59
C GLY A 185 13.32 -4.68 27.25
N ILE A 186 12.43 -4.48 26.27
CA ILE A 186 11.72 -5.58 25.65
C ILE A 186 12.67 -6.43 24.82
N ASP A 187 12.81 -7.70 25.18
CA ASP A 187 13.90 -8.53 24.70
C ASP A 187 13.89 -8.59 23.17
N ALA A 188 12.70 -8.45 22.58
CA ALA A 188 12.52 -8.69 21.16
C ALA A 188 13.29 -7.67 20.33
N LEU A 189 13.29 -6.41 20.79
CA LEU A 189 13.90 -5.33 20.02
C LEU A 189 15.31 -5.02 20.53
N PRO A 190 16.26 -4.87 19.59
CA PRO A 190 17.65 -5.28 19.81
C PRO A 190 18.55 -4.13 20.23
N GLY A 191 18.00 -3.17 20.98
CA GLY A 191 18.81 -2.17 21.67
C GLY A 191 19.85 -2.81 22.56
N SER A 192 21.00 -2.15 22.70
CA SER A 192 22.00 -2.55 23.68
C SER A 192 21.51 -2.23 25.10
N LEU A 193 20.47 -1.41 25.20
CA LEU A 193 20.06 -0.85 26.47
C LEU A 193 18.76 -1.49 26.96
N ASN A 194 18.57 -1.52 28.27
CA ASN A 194 17.41 -2.17 28.87
C ASN A 194 16.84 -1.33 30.01
N ILE A 195 16.53 -0.08 29.71
CA ILE A 195 16.26 0.91 30.75
C ILE A 195 14.79 0.90 31.16
N LEU A 196 13.90 0.91 30.17
CA LEU A 196 12.48 0.74 30.42
C LEU A 196 12.11 -0.74 30.47
N ASP A 197 11.21 -1.08 31.39
CA ASP A 197 10.46 -2.33 31.28
C ASP A 197 9.29 -2.17 30.31
N PRO A 198 8.66 -3.30 29.95
CA PRO A 198 7.68 -3.30 28.87
C PRO A 198 6.52 -2.33 29.12
N THR A 199 6.08 -2.22 30.37
CA THR A 199 4.95 -1.37 30.71
C THR A 199 5.28 0.10 30.50
N GLN A 200 6.46 0.49 30.98
CA GLN A 200 6.94 1.85 30.78
C GLN A 200 7.07 2.16 29.29
N THR A 201 7.69 1.24 28.56
CA THR A 201 7.75 1.34 27.10
C THR A 201 6.36 1.55 26.52
N SER A 202 5.42 0.73 26.96
CA SER A 202 4.05 0.78 26.45
C SER A 202 3.41 2.12 26.76
N ILE A 203 3.51 2.55 28.02
CA ILE A 203 2.97 3.84 28.42
C ILE A 203 3.53 4.94 27.52
N ALA A 204 4.86 4.96 27.36
CA ALA A 204 5.51 5.99 26.56
C ALA A 204 4.96 5.99 25.14
N LEU A 205 4.75 4.81 24.59
CA LEU A 205 4.25 4.66 23.23
C LEU A 205 2.73 4.72 23.20
N VAL A 206 2.13 5.11 24.31
CA VAL A 206 0.75 5.59 24.31
C VAL A 206 0.71 7.11 24.40
N VAL A 207 1.50 7.67 25.32
CA VAL A 207 1.41 9.09 25.64
C VAL A 207 2.03 9.93 24.52
N LEU A 208 3.09 9.42 23.90
CA LEU A 208 3.78 10.15 22.84
C LEU A 208 2.93 10.20 21.58
N PRO A 209 2.26 9.09 21.25
CA PRO A 209 1.35 9.10 20.11
C PRO A 209 0.10 9.95 20.34
N PHE A 210 -0.34 10.04 21.60
CA PHE A 210 -1.44 10.94 21.95
C PHE A 210 -1.14 12.35 21.48
N PHE A 211 0.10 12.76 21.62
CA PHE A 211 0.49 14.14 21.29
C PHE A 211 0.74 14.30 19.79
N CYS A 212 0.98 13.18 19.10
CA CYS A 212 1.36 13.23 17.70
C CYS A 212 0.16 12.97 16.78
N LYS A 213 -0.94 12.51 17.37
CA LYS A 213 -2.15 12.18 16.61
C LYS A 213 -3.33 12.98 17.15
N GLN A 214 -3.83 12.61 18.33
CA GLN A 214 -5.02 13.24 18.89
C GLN A 214 -4.84 14.75 19.01
N VAL A 215 -3.79 15.16 19.72
CA VAL A 215 -3.51 16.57 19.92
C VAL A 215 -3.17 17.26 18.60
N TYR A 216 -2.42 16.55 17.75
CA TYR A 216 -1.83 17.17 16.57
C TYR A 216 -2.90 17.54 15.55
N GLY A 217 -3.92 16.69 15.44
CA GLY A 217 -5.02 16.92 14.51
C GLY A 217 -5.74 18.22 14.80
N PHE A 218 -6.04 18.46 16.06
CA PHE A 218 -6.63 19.74 16.48
C PHE A 218 -5.65 20.88 16.21
N LEU A 219 -4.42 20.71 16.69
CA LEU A 219 -3.40 21.75 16.57
C LEU A 219 -3.27 22.20 15.12
N ASP A 220 -3.30 21.24 14.20
CA ASP A 220 -3.05 21.52 12.79
C ASP A 220 -4.19 22.35 12.20
N MET A 221 -5.42 21.97 12.52
CA MET A 221 -6.59 22.53 11.87
C MET A 221 -6.92 23.90 12.43
N TYR A 222 -6.59 24.10 13.70
CA TYR A 222 -6.81 25.39 14.35
C TYR A 222 -5.75 26.40 13.94
N LEU A 223 -4.53 25.94 13.73
CA LEU A 223 -3.44 26.82 13.31
C LEU A 223 -3.69 27.37 11.91
N ILE A 224 -4.05 26.48 10.98
CA ILE A 224 -4.49 26.89 9.66
C ILE A 224 -5.66 27.86 9.76
N HIS A 225 -6.72 27.43 10.42
CA HIS A 225 -7.88 28.28 10.67
C HIS A 225 -7.45 29.68 11.11
N LYS A 226 -6.83 29.75 12.29
CA LYS A 226 -6.32 31.01 12.81
C LYS A 226 -5.58 31.78 11.73
N ALA A 227 -4.65 31.11 11.05
CA ALA A 227 -3.82 31.75 10.04
C ALA A 227 -4.70 32.36 8.95
N GLU A 228 -5.73 31.63 8.54
CA GLU A 228 -6.61 32.09 7.48
C GLU A 228 -7.49 33.24 7.95
N LEU A 229 -7.78 33.25 9.25
CA LEU A 229 -8.52 34.35 9.86
C LEU A 229 -7.69 35.63 9.84
N GLU A 230 -6.38 35.48 10.03
CA GLU A 230 -5.51 36.64 10.26
C GLU A 230 -5.32 37.43 8.98
N HIS A 231 -5.56 36.79 7.84
CA HIS A 231 -5.40 37.44 6.54
C HIS A 231 -6.74 37.54 5.83
N HIS A 232 -7.64 38.33 6.39
CA HIS A 232 -9.01 38.43 5.88
C HIS A 232 -9.54 37.05 5.52
N MET B 1 11.00 -22.66 2.38
CA MET B 1 12.36 -22.93 2.94
C MET B 1 13.42 -22.36 2.01
N VAL B 2 13.09 -21.27 1.34
CA VAL B 2 14.02 -20.62 0.44
C VAL B 2 15.26 -20.14 1.19
N TYR B 3 15.05 -19.47 2.31
CA TYR B 3 16.15 -18.99 3.13
C TYR B 3 17.02 -20.16 3.58
N GLU B 4 16.38 -21.24 4.01
CA GLU B 4 17.10 -22.41 4.52
C GLU B 4 18.00 -22.99 3.44
N ALA B 5 17.48 -23.07 2.21
CA ALA B 5 18.24 -23.59 1.09
C ALA B 5 19.41 -22.67 0.76
N ILE B 6 19.13 -21.37 0.73
CA ILE B 6 20.09 -20.40 0.24
C ILE B 6 21.32 -20.32 1.15
N THR B 7 21.11 -20.51 2.45
CA THR B 7 22.20 -20.41 3.41
C THR B 7 22.72 -21.79 3.81
N ALA B 8 22.35 -22.81 3.03
CA ALA B 8 22.80 -24.17 3.27
C ALA B 8 24.29 -24.31 2.96
N GLY B 9 24.96 -25.20 3.67
CA GLY B 9 26.37 -25.46 3.45
C GLY B 9 27.22 -24.21 3.62
N GLY B 10 27.91 -23.82 2.56
CA GLY B 10 28.84 -22.69 2.62
C GLY B 10 28.11 -21.37 2.77
N PHE B 11 26.84 -21.35 2.38
CA PHE B 11 26.17 -20.10 2.05
C PHE B 11 27.00 -19.30 1.05
N GLY B 12 27.04 -19.77 -0.19
CA GLY B 12 27.97 -19.25 -1.18
C GLY B 12 27.60 -17.85 -1.63
N SER B 13 26.32 -17.52 -1.50
CA SER B 13 25.80 -16.27 -2.04
C SER B 13 26.01 -15.14 -1.04
N GLN B 14 26.57 -15.48 0.12
CA GLN B 14 26.60 -14.56 1.26
C GLN B 14 27.19 -13.22 0.87
N PRO B 15 28.40 -13.22 0.29
CA PRO B 15 29.13 -11.96 0.15
C PRO B 15 28.64 -11.14 -1.04
N PHE B 16 28.14 -11.83 -2.07
CA PHE B 16 27.44 -11.16 -3.16
C PHE B 16 26.25 -10.36 -2.62
N ILE B 17 25.49 -10.97 -1.72
CA ILE B 17 24.34 -10.32 -1.13
C ILE B 17 24.76 -9.10 -0.31
N LEU B 18 25.88 -9.23 0.38
CA LEU B 18 26.43 -8.14 1.18
C LEU B 18 26.90 -7.00 0.27
N ALA B 19 27.54 -7.36 -0.85
CA ALA B 19 28.04 -6.37 -1.79
C ALA B 19 26.89 -5.67 -2.50
N TYR B 20 25.81 -6.41 -2.73
CA TYR B 20 24.59 -5.85 -3.30
C TYR B 20 24.02 -4.77 -2.40
N ILE B 21 24.09 -5.02 -1.09
CA ILE B 21 23.43 -4.15 -0.11
C ILE B 21 24.24 -2.88 0.12
N ILE B 22 25.48 -3.05 0.58
CA ILE B 22 26.43 -1.94 0.60
C ILE B 22 26.27 -1.09 -0.66
N THR B 23 26.35 -1.75 -1.80
CA THR B 23 26.38 -1.07 -3.09
C THR B 23 25.07 -0.30 -3.31
N ALA B 24 23.95 -0.94 -3.00
CA ALA B 24 22.66 -0.27 -3.03
C ALA B 24 22.70 1.04 -2.25
N MET B 25 23.20 0.98 -1.02
CA MET B 25 23.12 2.12 -0.11
C MET B 25 23.91 3.30 -0.67
N ILE B 26 25.04 3.00 -1.31
CA ILE B 26 25.88 4.05 -1.89
C ILE B 26 25.26 4.62 -3.16
N SER B 27 24.75 3.74 -4.01
CA SER B 27 23.93 4.15 -5.14
C SER B 27 22.86 5.14 -4.68
N GLY B 28 22.12 4.75 -3.66
CA GLY B 28 21.07 5.60 -3.10
C GLY B 28 21.54 7.02 -2.89
N LEU B 29 22.65 7.17 -2.14
CA LEU B 29 23.15 8.48 -1.77
C LEU B 29 23.46 9.31 -3.01
N LEU B 30 24.07 8.67 -4.00
CA LEU B 30 24.36 9.33 -5.28
C LEU B 30 23.06 9.77 -5.96
N PHE B 31 22.06 8.88 -5.96
CA PHE B 31 20.82 9.13 -6.68
C PHE B 31 20.16 10.42 -6.18
N LEU B 32 20.22 10.63 -4.87
CA LEU B 32 19.72 11.88 -4.29
C LEU B 32 20.56 13.07 -4.75
N TYR B 33 21.87 12.85 -4.88
CA TYR B 33 22.80 13.92 -5.24
C TYR B 33 22.67 14.29 -6.71
N LEU B 34 22.55 13.29 -7.57
CA LEU B 34 22.87 13.46 -8.99
C LEU B 34 22.03 14.58 -9.63
N PRO B 35 20.71 14.54 -9.39
CA PRO B 35 19.78 15.42 -10.11
C PRO B 35 20.22 16.88 -10.11
N ARG B 36 20.68 17.37 -8.96
CA ARG B 36 21.10 18.76 -8.83
C ARG B 36 22.29 19.05 -9.74
N LYS B 37 23.19 18.08 -9.83
CA LYS B 37 24.37 18.21 -10.68
C LYS B 37 23.98 18.08 -12.16
N LEU B 38 22.88 17.41 -12.43
CA LEU B 38 22.69 16.72 -13.71
C LEU B 38 21.62 17.41 -14.55
N ASP B 39 20.98 18.43 -13.99
CA ASP B 39 19.80 19.01 -14.61
C ASP B 39 18.81 17.92 -15.02
N VAL B 40 18.50 17.06 -14.07
CA VAL B 40 17.41 16.10 -14.21
C VAL B 40 16.44 16.28 -13.05
N PRO B 41 15.14 16.09 -13.30
CA PRO B 41 14.17 16.40 -12.26
C PRO B 41 14.39 15.59 -10.99
N GLN B 42 14.26 16.24 -9.84
CA GLN B 42 14.60 15.62 -8.56
C GLN B 42 13.78 14.34 -8.35
N LYS B 43 12.59 14.31 -8.92
CA LYS B 43 11.68 13.19 -8.72
C LYS B 43 12.34 11.87 -9.10
N PHE B 44 13.25 11.93 -10.07
CA PHE B 44 13.89 10.72 -10.59
C PHE B 44 14.93 10.20 -9.63
N GLY B 45 15.72 11.11 -9.05
CA GLY B 45 16.64 10.75 -7.97
C GLY B 45 15.93 10.11 -6.80
N ILE B 46 14.72 10.60 -6.52
CA ILE B 46 13.98 10.16 -5.34
C ILE B 46 13.44 8.75 -5.52
N ILE B 47 12.99 8.44 -6.74
CA ILE B 47 12.43 7.14 -7.04
C ILE B 47 13.52 6.07 -7.02
N HIS B 48 14.64 6.38 -7.66
CA HIS B 48 15.77 5.45 -7.70
C HIS B 48 16.37 5.26 -6.32
N PHE B 49 16.34 6.32 -5.50
CA PHE B 49 16.80 6.22 -4.13
C PHE B 49 16.03 5.14 -3.37
N PHE B 50 14.71 5.20 -3.42
CA PHE B 50 13.87 4.29 -2.65
C PHE B 50 13.97 2.87 -3.23
N ILE B 51 13.97 2.77 -4.55
CA ILE B 51 14.14 1.48 -5.22
C ILE B 51 15.35 0.76 -4.65
N VAL B 52 16.48 1.47 -4.61
CA VAL B 52 17.77 0.83 -4.34
C VAL B 52 17.94 0.63 -2.84
N VAL B 53 17.29 1.49 -2.07
CA VAL B 53 17.37 1.42 -0.61
C VAL B 53 16.36 0.42 -0.05
N TRP B 54 15.17 0.38 -0.65
CA TRP B 54 14.18 -0.62 -0.31
C TRP B 54 14.74 -2.02 -0.54
N SER B 55 15.18 -2.28 -1.77
CA SER B 55 15.77 -3.58 -2.12
C SER B 55 16.82 -3.97 -1.09
N GLY B 56 17.77 -3.07 -0.84
CA GLY B 56 18.89 -3.36 0.04
C GLY B 56 18.42 -3.77 1.43
N LEU B 57 17.38 -3.11 1.92
CA LEU B 57 16.89 -3.36 3.27
C LEU B 57 16.25 -4.74 3.35
N MET B 58 15.51 -5.11 2.31
CA MET B 58 14.82 -6.40 2.29
C MET B 58 15.83 -7.54 2.22
N TYR B 59 16.99 -7.28 1.62
CA TYR B 59 17.97 -8.33 1.38
C TYR B 59 18.78 -8.62 2.64
N THR B 60 18.65 -7.75 3.64
CA THR B 60 19.28 -7.99 4.94
C THR B 60 18.61 -9.16 5.66
N ASN B 61 17.52 -9.66 5.08
CA ASN B 61 16.80 -10.79 5.67
C ASN B 61 17.42 -12.12 5.24
N PHE B 62 18.44 -12.05 4.39
CA PHE B 62 19.23 -13.21 4.05
C PHE B 62 20.47 -13.30 4.94
N LEU B 63 20.81 -12.19 5.57
CA LEU B 63 21.99 -12.14 6.43
C LEU B 63 21.58 -12.25 7.90
N ASN B 64 20.35 -11.84 8.19
CA ASN B 64 19.73 -12.15 9.49
C ASN B 64 18.36 -12.78 9.27
N GLN B 65 18.20 -14.00 9.78
CA GLN B 65 16.96 -14.74 9.59
C GLN B 65 15.81 -14.03 10.31
N SER B 66 14.67 -13.95 9.62
CA SER B 66 13.44 -13.45 10.23
C SER B 66 12.25 -14.17 9.60
N PHE B 67 11.05 -13.88 10.08
CA PHE B 67 9.85 -14.51 9.53
C PHE B 67 9.61 -14.07 8.10
N LEU B 68 10.41 -13.10 7.63
CA LEU B 68 10.22 -12.53 6.31
C LEU B 68 11.10 -13.24 5.28
N SER B 69 12.11 -13.96 5.75
CA SER B 69 13.28 -14.26 4.94
C SER B 69 12.91 -15.06 3.69
N ASP B 70 12.02 -16.04 3.87
CA ASP B 70 11.66 -16.95 2.79
C ASP B 70 11.01 -16.19 1.65
N TYR B 71 10.39 -15.06 1.96
CA TYR B 71 9.61 -14.31 0.99
C TYR B 71 10.22 -12.92 0.79
N ALA B 72 11.53 -12.82 1.05
CA ALA B 72 12.23 -11.55 0.98
C ALA B 72 12.16 -10.97 -0.43
N TRP B 73 12.59 -11.75 -1.41
CA TRP B 73 12.56 -11.30 -2.80
C TRP B 73 11.27 -10.56 -3.09
N TYR B 74 10.15 -11.18 -2.70
CA TYR B 74 8.83 -10.64 -3.00
C TYR B 74 8.58 -9.36 -2.20
N MET B 75 8.95 -9.38 -0.93
CA MET B 75 8.86 -8.19 -0.10
C MET B 75 9.61 -7.03 -0.75
N ASP B 76 10.71 -7.37 -1.44
CA ASP B 76 11.48 -6.37 -2.17
C ASP B 76 10.73 -5.93 -3.43
N TRP B 77 10.54 -6.87 -4.35
CA TRP B 77 10.03 -6.55 -5.67
C TRP B 77 8.65 -5.90 -5.58
N MET B 78 7.89 -6.30 -4.56
CA MET B 78 6.58 -5.73 -4.32
C MET B 78 6.56 -4.25 -4.65
N VAL B 79 7.43 -3.49 -3.99
CA VAL B 79 7.38 -2.03 -4.06
C VAL B 79 8.51 -1.47 -4.94
N SER B 80 9.56 -2.26 -5.11
CA SER B 80 10.72 -1.80 -5.88
C SER B 80 10.42 -1.80 -7.38
N THR B 81 9.73 -2.84 -7.86
CA THR B 81 9.59 -3.07 -9.29
C THR B 81 8.48 -2.20 -9.89
N PRO B 82 7.52 -1.79 -9.05
CA PRO B 82 6.59 -0.77 -9.54
C PRO B 82 7.21 0.61 -9.58
N LEU B 83 8.10 0.89 -8.63
CA LEU B 83 8.85 2.14 -8.62
C LEU B 83 9.76 2.23 -9.84
N ILE B 84 10.41 1.11 -10.17
CA ILE B 84 11.17 1.00 -11.40
C ILE B 84 10.31 1.40 -12.60
N LEU B 85 9.11 0.85 -12.66
CA LEU B 85 8.21 1.10 -13.79
C LEU B 85 7.66 2.52 -13.75
N LEU B 86 7.57 3.08 -12.55
CA LEU B 86 7.14 4.47 -12.39
C LEU B 86 8.16 5.42 -13.00
N ALA B 87 9.44 5.15 -12.76
CA ALA B 87 10.52 5.92 -13.37
C ALA B 87 10.43 5.86 -14.89
N LEU B 88 10.37 4.65 -15.42
CA LEU B 88 10.27 4.43 -16.86
C LEU B 88 9.06 5.16 -17.44
N GLY B 89 7.91 5.02 -16.79
CA GLY B 89 6.69 5.69 -17.22
C GLY B 89 6.83 7.20 -17.17
N LEU B 90 7.44 7.70 -16.10
CA LEU B 90 7.56 9.14 -15.89
C LEU B 90 8.58 9.73 -16.86
N THR B 91 9.56 8.92 -17.24
CA THR B 91 10.49 9.28 -18.30
C THR B 91 9.75 9.50 -19.61
N ALA B 92 8.85 8.57 -19.94
CA ALA B 92 8.05 8.67 -21.14
C ALA B 92 7.18 9.92 -21.09
N PHE B 93 6.71 10.26 -19.90
CA PHE B 93 5.85 11.43 -19.71
C PHE B 93 6.67 12.72 -19.82
N HIS B 94 7.95 12.62 -19.51
CA HIS B 94 8.74 13.79 -19.13
C HIS B 94 8.54 14.92 -20.15
N GLY B 95 8.73 14.60 -21.41
CA GLY B 95 8.77 15.62 -22.46
C GLY B 95 7.56 15.54 -23.37
N ALA B 96 6.58 14.73 -22.98
CA ALA B 96 5.42 14.47 -23.83
C ALA B 96 4.30 15.46 -23.52
N ASP B 97 3.27 15.46 -24.38
CA ASP B 97 2.11 16.33 -24.18
C ASP B 97 1.03 15.59 -23.38
N THR B 98 0.56 14.48 -23.92
CA THR B 98 -0.54 13.74 -23.31
C THR B 98 -0.02 12.80 -22.23
N LYS B 99 -0.53 12.96 -21.02
CA LYS B 99 -0.13 12.13 -19.89
C LYS B 99 -1.27 11.18 -19.51
N ARG B 100 -0.99 9.88 -19.57
CA ARG B 100 -2.00 8.87 -19.24
C ARG B 100 -1.70 8.22 -17.90
N TYR B 101 -2.34 8.71 -16.85
CA TYR B 101 -2.02 8.29 -15.49
C TYR B 101 -2.79 7.03 -15.11
N ASP B 102 -3.88 6.77 -15.81
CA ASP B 102 -4.60 5.50 -15.68
C ASP B 102 -3.76 4.36 -16.23
N LEU B 103 -2.91 4.68 -17.21
CA LEU B 103 -1.98 3.69 -17.75
C LEU B 103 -0.78 3.49 -16.83
N LEU B 104 -0.33 4.57 -16.21
CA LEU B 104 0.67 4.49 -15.15
C LEU B 104 0.19 3.54 -14.05
N GLY B 105 -1.06 3.70 -13.64
CA GLY B 105 -1.64 2.85 -12.61
C GLY B 105 -1.70 1.40 -13.03
N ALA B 106 -2.20 1.16 -14.24
CA ALA B 106 -2.23 -0.19 -14.79
C ALA B 106 -0.83 -0.79 -14.81
N LEU B 107 0.12 -0.04 -15.33
CA LEU B 107 1.52 -0.47 -15.35
C LEU B 107 1.95 -0.92 -13.96
N LEU B 108 1.81 -0.02 -12.98
CA LEU B 108 2.30 -0.28 -11.63
C LEU B 108 1.48 -1.37 -10.96
N GLY B 109 0.17 -1.32 -11.18
CA GLY B 109 -0.74 -2.30 -10.58
C GLY B 109 -0.41 -3.72 -11.03
N ALA B 110 -0.13 -3.87 -12.31
CA ALA B 110 0.18 -5.18 -12.88
C ALA B 110 1.42 -5.77 -12.23
N GLU B 111 2.45 -4.93 -12.06
CA GLU B 111 3.70 -5.37 -11.48
C GLU B 111 3.48 -5.89 -10.06
N PHE B 112 2.75 -5.12 -9.26
CA PHE B 112 2.49 -5.50 -7.88
C PHE B 112 1.77 -6.84 -7.81
N THR B 113 0.73 -7.00 -8.63
CA THR B 113 -0.02 -8.26 -8.68
C THR B 113 0.86 -9.39 -9.17
N LEU B 114 1.87 -9.03 -9.95
CA LEU B 114 2.69 -10.00 -10.68
C LEU B 114 3.79 -10.54 -9.78
N VAL B 115 4.19 -9.71 -8.81
CA VAL B 115 5.08 -10.14 -7.75
C VAL B 115 4.33 -10.91 -6.67
N ILE B 116 3.06 -10.57 -6.47
CA ILE B 116 2.25 -11.25 -5.46
C ILE B 116 1.84 -12.65 -5.92
N THR B 117 1.71 -12.83 -7.22
CA THR B 117 1.53 -14.18 -7.78
C THR B 117 2.75 -15.04 -7.48
N GLY B 118 3.93 -14.46 -7.67
CA GLY B 118 5.18 -15.15 -7.31
C GLY B 118 5.17 -15.59 -5.85
N LEU B 119 4.73 -14.70 -4.97
CA LEU B 119 4.67 -15.01 -3.55
C LEU B 119 3.65 -16.11 -3.28
N LEU B 120 2.48 -15.99 -3.90
CA LEU B 120 1.43 -16.99 -3.76
C LEU B 120 1.95 -18.37 -4.18
N ALA B 121 2.66 -18.42 -5.29
CA ALA B 121 3.09 -19.69 -5.87
C ALA B 121 3.99 -20.44 -4.89
N GLN B 122 4.95 -19.74 -4.31
CA GLN B 122 5.85 -20.32 -3.35
C GLN B 122 5.11 -20.70 -2.07
N ALA B 123 4.08 -19.94 -1.74
CA ALA B 123 3.43 -20.06 -0.43
C ALA B 123 2.46 -21.24 -0.43
N GLN B 124 1.86 -21.53 -1.58
CA GLN B 124 1.03 -22.72 -1.74
C GLN B 124 1.80 -23.86 -2.39
N GLY B 125 3.11 -23.69 -2.52
CA GLY B 125 3.92 -24.57 -3.35
C GLY B 125 3.18 -25.01 -4.59
N SER B 126 2.63 -24.03 -5.32
CA SER B 126 1.77 -24.31 -6.46
C SER B 126 2.11 -23.39 -7.62
N ILE B 127 2.02 -23.92 -8.84
CA ILE B 127 2.61 -23.27 -10.00
C ILE B 127 1.59 -22.39 -10.70
N THR B 128 0.32 -22.57 -10.33
CA THR B 128 -0.78 -21.97 -11.08
C THR B 128 -0.66 -20.44 -11.12
N PRO B 129 -0.54 -19.82 -9.94
CA PRO B 129 -0.51 -18.36 -9.89
C PRO B 129 0.61 -17.77 -10.73
N TYR B 130 1.71 -18.53 -10.85
CA TYR B 130 2.86 -18.09 -11.64
C TYR B 130 2.45 -17.78 -13.07
N TYR B 131 1.54 -18.58 -13.62
CA TYR B 131 1.12 -18.43 -15.00
C TYR B 131 0.39 -17.10 -15.20
N VAL B 132 -0.44 -16.73 -14.23
CA VAL B 132 -1.12 -15.44 -14.24
C VAL B 132 -0.09 -14.31 -14.15
N GLY B 133 0.90 -14.48 -13.28
CA GLY B 133 2.00 -13.55 -13.18
C GLY B 133 2.70 -13.34 -14.51
N VAL B 134 2.87 -14.44 -15.25
CA VAL B 134 3.53 -14.38 -16.55
C VAL B 134 2.67 -13.66 -17.57
N LEU B 135 1.36 -13.87 -17.50
CA LEU B 135 0.41 -13.17 -18.35
C LEU B 135 0.40 -11.68 -18.03
N LEU B 136 0.48 -11.36 -16.74
CA LEU B 136 0.55 -9.96 -16.32
C LEU B 136 1.85 -9.30 -16.79
N LEU B 137 2.95 -10.04 -16.70
CA LEU B 137 4.23 -9.53 -17.18
C LEU B 137 4.14 -9.11 -18.63
N LEU B 138 3.45 -9.91 -19.44
CA LEU B 138 3.33 -9.64 -20.87
C LEU B 138 2.46 -8.41 -21.11
N GLY B 139 1.45 -8.23 -20.26
CA GLY B 139 0.67 -7.00 -20.26
C GLY B 139 1.52 -5.78 -19.94
N VAL B 140 2.51 -5.98 -19.07
CA VAL B 140 3.40 -4.89 -18.69
C VAL B 140 4.30 -4.48 -19.85
N VAL B 141 4.92 -5.46 -20.49
CA VAL B 141 5.83 -5.18 -21.60
C VAL B 141 5.07 -4.66 -22.82
N TYR B 142 3.83 -5.11 -22.98
CA TYR B 142 2.94 -4.56 -23.99
C TYR B 142 2.68 -3.09 -23.72
N LEU B 143 2.19 -2.80 -22.51
CA LEU B 143 1.99 -1.42 -22.08
C LEU B 143 3.22 -0.58 -22.43
N LEU B 144 4.37 -1.00 -21.90
CA LEU B 144 5.61 -0.30 -22.13
C LEU B 144 5.87 -0.14 -23.62
N ALA B 145 5.62 -1.22 -24.37
CA ALA B 145 6.07 -1.31 -25.75
C ALA B 145 5.27 -0.39 -26.66
N LYS B 146 4.00 -0.17 -26.33
CA LYS B 146 3.10 0.56 -27.22
C LYS B 146 2.64 1.89 -26.63
N PRO B 147 1.58 1.86 -25.82
CA PRO B 147 0.98 3.13 -25.40
C PRO B 147 2.03 4.11 -24.87
N PHE B 148 2.89 3.62 -23.98
CA PHE B 148 3.89 4.46 -23.35
C PHE B 148 4.95 4.89 -24.36
N ARG B 149 5.24 4.02 -25.32
CA ARG B 149 6.11 4.38 -26.43
C ARG B 149 5.50 5.50 -27.26
N GLU B 150 4.22 5.37 -27.57
CA GLU B 150 3.49 6.39 -28.30
C GLU B 150 3.65 7.74 -27.63
N ILE B 151 3.37 7.77 -26.32
CA ILE B 151 3.46 9.00 -25.55
C ILE B 151 4.89 9.53 -25.54
N ALA B 152 5.85 8.63 -25.46
CA ALA B 152 7.26 9.00 -25.44
C ALA B 152 7.63 9.74 -26.72
N GLU B 153 6.91 9.45 -27.80
CA GLU B 153 7.33 9.88 -29.13
C GLU B 153 6.71 11.22 -29.50
N GLU B 154 5.89 11.75 -28.60
CA GLU B 154 5.48 13.15 -28.67
C GLU B 154 6.63 14.05 -28.26
N SER B 155 7.49 13.56 -27.38
CA SER B 155 8.59 14.36 -26.86
C SER B 155 9.69 14.50 -27.90
N SER B 156 10.72 15.29 -27.56
CA SER B 156 11.89 15.43 -28.41
C SER B 156 12.44 14.06 -28.78
N ASP B 157 13.32 14.03 -29.78
CA ASP B 157 13.88 12.77 -30.27
C ASP B 157 14.74 12.11 -29.21
N GLY B 158 15.52 12.91 -28.50
CA GLY B 158 16.41 12.40 -27.45
C GLY B 158 15.64 11.70 -26.36
N LEU B 159 14.53 12.30 -25.93
CA LEU B 159 13.73 11.76 -24.85
C LEU B 159 12.98 10.51 -25.30
N ALA B 160 12.57 10.50 -26.55
CA ALA B 160 11.93 9.33 -27.14
C ALA B 160 12.93 8.19 -27.26
N ARG B 161 14.12 8.50 -27.78
CA ARG B 161 15.22 7.53 -27.82
C ARG B 161 15.52 7.00 -26.43
N ALA B 162 15.59 7.90 -25.46
CA ALA B 162 15.88 7.52 -24.08
C ALA B 162 14.88 6.48 -23.58
N TYR B 163 13.59 6.81 -23.68
CA TYR B 163 12.54 5.88 -23.28
C TYR B 163 12.71 4.54 -23.98
N LYS B 164 12.95 4.59 -25.28
CA LYS B 164 13.01 3.38 -26.10
C LYS B 164 14.16 2.48 -25.64
N ILE B 165 15.27 3.10 -25.28
CA ILE B 165 16.41 2.36 -24.72
C ILE B 165 16.04 1.72 -23.39
N LEU B 166 15.53 2.54 -22.46
CA LEU B 166 15.24 2.08 -21.11
C LEU B 166 14.11 1.06 -21.12
N ALA B 167 13.18 1.20 -22.06
CA ALA B 167 12.01 0.32 -22.13
C ALA B 167 12.43 -1.09 -22.56
N GLY B 168 13.39 -1.17 -23.46
CA GLY B 168 13.97 -2.45 -23.86
C GLY B 168 14.85 -3.03 -22.76
N TYR B 169 15.63 -2.16 -22.13
CA TYR B 169 16.55 -2.60 -21.08
C TYR B 169 15.80 -3.28 -19.95
N ILE B 170 14.69 -2.67 -19.53
CA ILE B 170 13.95 -3.14 -18.36
C ILE B 170 12.98 -4.24 -18.76
N GLY B 171 12.45 -4.15 -19.97
CA GLY B 171 11.59 -5.20 -20.51
C GLY B 171 12.31 -6.54 -20.60
N ILE B 172 13.55 -6.50 -21.08
CA ILE B 172 14.30 -7.72 -21.34
C ILE B 172 14.76 -8.35 -20.03
N PHE B 173 15.31 -7.52 -19.15
CA PHE B 173 15.72 -7.97 -17.82
C PHE B 173 14.52 -8.52 -17.05
N PHE B 174 13.36 -7.88 -17.20
CA PHE B 174 12.19 -8.23 -16.43
C PHE B 174 11.72 -9.65 -16.77
N LEU B 175 11.95 -10.06 -18.01
CA LEU B 175 11.52 -11.39 -18.46
C LEU B 175 12.48 -12.47 -17.99
N SER B 176 13.64 -12.05 -17.51
CA SER B 176 14.65 -13.01 -17.04
C SER B 176 14.25 -13.64 -15.71
N TYR B 177 13.50 -12.88 -14.90
CA TYR B 177 13.27 -13.28 -13.51
C TYR B 177 12.35 -14.48 -13.41
N PRO B 178 11.18 -14.41 -14.07
CA PRO B 178 10.31 -15.59 -14.13
C PRO B 178 11.02 -16.78 -14.77
N THR B 179 12.00 -16.51 -15.62
CA THR B 179 12.87 -17.55 -16.15
C THR B 179 13.63 -18.25 -15.04
N VAL B 180 14.50 -17.51 -14.36
CA VAL B 180 15.41 -18.11 -13.38
C VAL B 180 14.65 -18.60 -12.16
N TRP B 181 13.47 -18.03 -11.92
CA TRP B 181 12.56 -18.54 -10.90
C TRP B 181 12.10 -19.95 -11.26
N TYR B 182 11.43 -20.09 -12.39
CA TYR B 182 11.01 -21.39 -12.89
C TYR B 182 12.19 -22.34 -12.98
N ILE B 183 13.32 -21.80 -13.42
CA ILE B 183 14.50 -22.61 -13.69
C ILE B 183 15.09 -23.17 -12.39
N SER B 184 14.81 -22.48 -11.29
CA SER B 184 15.56 -22.70 -10.05
C SER B 184 15.23 -24.05 -9.44
N GLY B 185 16.20 -24.64 -8.76
CA GLY B 185 16.06 -25.99 -8.20
C GLY B 185 15.91 -25.97 -6.70
N ILE B 186 15.71 -24.78 -6.13
CA ILE B 186 15.13 -24.65 -4.80
C ILE B 186 13.74 -25.28 -4.77
N ASP B 187 13.48 -26.07 -3.74
CA ASP B 187 12.32 -26.95 -3.73
C ASP B 187 11.05 -26.17 -3.43
N ALA B 188 11.16 -25.21 -2.51
CA ALA B 188 10.07 -24.30 -2.21
C ALA B 188 9.49 -23.69 -3.49
N LEU B 189 10.36 -23.24 -4.38
CA LEU B 189 9.95 -22.74 -5.68
C LEU B 189 9.45 -23.87 -6.57
N PRO B 190 8.16 -23.85 -6.90
CA PRO B 190 7.58 -24.85 -7.79
C PRO B 190 8.05 -24.70 -9.22
N GLY B 191 7.41 -25.42 -10.14
CA GLY B 191 7.94 -25.56 -11.49
C GLY B 191 8.98 -26.67 -11.57
N SER B 192 8.98 -27.40 -12.68
CA SER B 192 9.54 -28.75 -12.70
C SER B 192 11.06 -28.71 -12.88
N LEU B 193 11.53 -27.84 -13.77
CA LEU B 193 12.95 -27.74 -14.04
C LEU B 193 13.71 -27.37 -12.77
N ASN B 194 14.77 -28.12 -12.48
CA ASN B 194 15.67 -27.79 -11.38
C ASN B 194 17.09 -27.60 -11.91
N ILE B 195 17.27 -26.55 -12.72
CA ILE B 195 18.52 -26.31 -13.42
C ILE B 195 19.52 -25.63 -12.49
N LEU B 196 19.05 -24.63 -11.76
CA LEU B 196 19.91 -23.79 -10.95
C LEU B 196 19.92 -24.28 -9.50
N ASP B 197 21.11 -24.43 -8.94
CA ASP B 197 21.25 -24.75 -7.51
C ASP B 197 21.07 -23.48 -6.68
N PRO B 198 20.72 -23.66 -5.40
CA PRO B 198 20.21 -22.56 -4.57
C PRO B 198 21.15 -21.36 -4.57
N THR B 199 22.46 -21.61 -4.57
CA THR B 199 23.45 -20.54 -4.58
C THR B 199 23.46 -19.84 -5.94
N GLN B 200 23.24 -20.62 -7.01
CA GLN B 200 23.18 -20.06 -8.35
C GLN B 200 21.93 -19.19 -8.51
N THR B 201 20.81 -19.66 -7.99
CA THR B 201 19.59 -18.88 -7.96
C THR B 201 19.80 -17.56 -7.21
N SER B 202 20.34 -17.67 -5.99
CA SER B 202 20.57 -16.50 -5.17
C SER B 202 21.44 -15.47 -5.90
N ILE B 203 22.42 -15.96 -6.65
CA ILE B 203 23.42 -15.08 -7.25
C ILE B 203 22.89 -14.49 -8.56
N ALA B 204 22.12 -15.26 -9.30
CA ALA B 204 21.29 -14.71 -10.37
C ALA B 204 20.41 -13.60 -9.82
N LEU B 205 20.02 -13.72 -8.56
CA LEU B 205 18.96 -12.88 -8.01
C LEU B 205 19.52 -11.70 -7.23
N VAL B 206 20.83 -11.52 -7.29
CA VAL B 206 21.42 -10.23 -6.90
C VAL B 206 22.16 -9.58 -8.06
N VAL B 207 22.48 -10.35 -9.08
CA VAL B 207 23.13 -9.81 -10.27
C VAL B 207 22.12 -9.09 -11.16
N LEU B 208 21.03 -9.76 -11.50
CA LEU B 208 19.98 -9.16 -12.31
C LEU B 208 19.45 -7.89 -11.66
N PRO B 209 19.22 -7.96 -10.33
CA PRO B 209 18.68 -6.81 -9.61
C PRO B 209 19.64 -5.63 -9.57
N PHE B 210 20.93 -5.93 -9.50
CA PHE B 210 21.96 -4.90 -9.54
C PHE B 210 21.91 -4.13 -10.85
N PHE B 211 21.51 -4.81 -11.92
CA PHE B 211 21.39 -4.18 -13.23
C PHE B 211 20.05 -3.44 -13.37
N CYS B 212 19.06 -3.89 -12.63
CA CYS B 212 17.70 -3.37 -12.79
C CYS B 212 17.46 -2.14 -11.90
N LYS B 213 18.38 -1.92 -10.96
CA LYS B 213 18.17 -0.95 -9.89
C LYS B 213 19.31 0.07 -9.85
N GLN B 214 20.52 -0.40 -9.56
CA GLN B 214 21.68 0.48 -9.43
C GLN B 214 22.09 1.05 -10.78
N VAL B 215 22.43 0.15 -11.69
CA VAL B 215 22.77 0.54 -13.06
C VAL B 215 21.61 1.29 -13.70
N TYR B 216 20.40 0.79 -13.51
CA TYR B 216 19.21 1.39 -14.08
C TYR B 216 19.03 2.82 -13.58
N GLY B 217 19.25 3.00 -12.27
CA GLY B 217 19.21 4.34 -11.67
C GLY B 217 20.04 5.33 -12.47
N PHE B 218 21.33 5.02 -12.64
CA PHE B 218 22.23 5.90 -13.36
C PHE B 218 21.82 6.01 -14.83
N LEU B 219 21.51 4.87 -15.43
CA LEU B 219 21.19 4.83 -16.85
C LEU B 219 20.01 5.74 -17.18
N ASP B 220 18.94 5.61 -16.40
CA ASP B 220 17.78 6.47 -16.54
C ASP B 220 18.19 7.94 -16.50
N MET B 221 18.95 8.31 -15.48
CA MET B 221 19.20 9.72 -15.19
C MET B 221 20.17 10.31 -16.20
N TYR B 222 21.04 9.48 -16.75
CA TYR B 222 22.04 9.94 -17.70
C TYR B 222 21.45 10.04 -19.11
N LEU B 223 20.51 9.16 -19.43
CA LEU B 223 19.81 9.22 -20.71
C LEU B 223 18.89 10.42 -20.77
N ILE B 224 18.25 10.75 -19.65
CA ILE B 224 17.41 11.93 -19.56
C ILE B 224 18.25 13.20 -19.60
N HIS B 225 19.45 13.11 -19.03
CA HIS B 225 20.36 14.26 -19.00
C HIS B 225 20.97 14.50 -20.38
N LYS B 226 21.39 13.42 -21.03
CA LYS B 226 22.06 13.52 -22.33
C LYS B 226 21.07 13.97 -23.40
N ALA B 227 19.79 13.68 -23.19
CA ALA B 227 18.76 14.02 -24.16
C ALA B 227 18.38 15.49 -24.05
N GLU B 228 18.48 16.05 -22.85
CA GLU B 228 18.10 17.43 -22.61
C GLU B 228 19.26 18.37 -22.95
N LEU B 229 20.48 17.87 -22.84
CA LEU B 229 21.65 18.60 -23.31
C LEU B 229 21.71 18.61 -24.84
N GLU B 230 21.37 17.48 -25.45
CA GLU B 230 21.38 17.37 -26.90
C GLU B 230 20.35 18.32 -27.53
N HIS B 231 19.29 18.61 -26.78
CA HIS B 231 18.21 19.45 -27.29
C HIS B 231 18.17 20.79 -26.56
N HIS B 232 19.34 21.37 -26.33
CA HIS B 232 19.43 22.75 -25.85
C HIS B 232 20.86 23.25 -25.92
N MET C 1 -8.75 -19.98 12.38
CA MET C 1 -8.62 -21.27 11.63
C MET C 1 -9.77 -21.42 10.64
N VAL C 2 -9.97 -20.40 9.82
CA VAL C 2 -11.07 -20.40 8.85
C VAL C 2 -10.85 -21.49 7.80
N TYR C 3 -9.61 -21.63 7.35
CA TYR C 3 -9.31 -22.53 6.24
C TYR C 3 -9.64 -23.97 6.61
N GLU C 4 -9.11 -24.44 7.74
CA GLU C 4 -9.34 -25.81 8.17
C GLU C 4 -10.83 -26.08 8.35
N ALA C 5 -11.55 -25.10 8.87
CA ALA C 5 -12.99 -25.22 9.07
C ALA C 5 -13.70 -25.32 7.72
N ILE C 6 -13.16 -24.64 6.71
CA ILE C 6 -13.81 -24.57 5.41
C ILE C 6 -13.50 -25.80 4.56
N THR C 7 -12.36 -26.44 4.80
CA THR C 7 -11.86 -27.48 3.90
C THR C 7 -11.74 -28.85 4.57
N ALA C 8 -11.97 -28.92 5.86
CA ALA C 8 -11.98 -30.21 6.55
C ALA C 8 -13.28 -30.96 6.26
N GLY C 9 -13.21 -32.28 6.23
CA GLY C 9 -14.32 -33.10 5.77
C GLY C 9 -14.58 -32.93 4.28
N GLY C 10 -15.75 -32.40 3.94
CA GLY C 10 -16.23 -32.44 2.57
C GLY C 10 -15.52 -31.44 1.68
N PHE C 11 -15.15 -30.30 2.27
CA PHE C 11 -14.86 -29.10 1.48
C PHE C 11 -15.87 -28.94 0.36
N GLY C 12 -17.14 -28.78 0.72
CA GLY C 12 -18.22 -28.73 -0.26
C GLY C 12 -18.18 -27.47 -1.10
N SER C 13 -17.41 -26.49 -0.64
CA SER C 13 -17.46 -25.14 -1.21
C SER C 13 -16.53 -25.03 -2.41
N GLN C 14 -15.77 -26.10 -2.68
CA GLN C 14 -14.61 -26.00 -3.56
C GLN C 14 -15.03 -25.86 -5.03
N PRO C 15 -16.13 -26.53 -5.41
CA PRO C 15 -16.72 -26.32 -6.73
C PRO C 15 -17.02 -24.85 -6.98
N PHE C 16 -17.52 -24.17 -5.95
CA PHE C 16 -17.92 -22.77 -6.08
C PHE C 16 -16.68 -21.86 -6.15
N ILE C 17 -15.67 -22.20 -5.35
CA ILE C 17 -14.45 -21.40 -5.31
C ILE C 17 -13.65 -21.57 -6.60
N LEU C 18 -13.68 -22.79 -7.13
CA LEU C 18 -13.10 -23.07 -8.44
C LEU C 18 -13.82 -22.28 -9.53
N ALA C 19 -15.15 -22.26 -9.47
CA ALA C 19 -15.96 -21.62 -10.50
C ALA C 19 -15.80 -20.11 -10.44
N TYR C 20 -15.84 -19.56 -9.24
CA TYR C 20 -15.51 -18.16 -9.04
C TYR C 20 -14.19 -17.81 -9.72
N ILE C 21 -13.15 -18.57 -9.41
CA ILE C 21 -11.80 -18.25 -9.86
C ILE C 21 -11.72 -18.23 -11.37
N ILE C 22 -12.43 -19.14 -12.02
CA ILE C 22 -12.35 -19.27 -13.48
C ILE C 22 -13.19 -18.21 -14.18
N THR C 23 -14.39 -17.95 -13.66
CA THR C 23 -15.24 -16.90 -14.20
C THR C 23 -14.63 -15.52 -13.93
N ALA C 24 -13.86 -15.42 -12.86
CA ALA C 24 -13.06 -14.23 -12.61
C ALA C 24 -12.05 -14.02 -13.72
N MET C 25 -11.22 -15.04 -13.97
CA MET C 25 -10.13 -14.91 -14.93
C MET C 25 -10.66 -14.53 -16.30
N ILE C 26 -11.69 -15.23 -16.76
CA ILE C 26 -12.23 -15.00 -18.10
C ILE C 26 -12.96 -13.66 -18.18
N SER C 27 -13.52 -13.22 -17.07
CA SER C 27 -14.14 -11.90 -16.99
C SER C 27 -13.08 -10.80 -17.07
N GLY C 28 -11.97 -11.02 -16.38
CA GLY C 28 -10.86 -10.06 -16.38
C GLY C 28 -10.40 -9.74 -17.79
N LEU C 29 -10.19 -10.79 -18.59
CA LEU C 29 -9.88 -10.62 -20.00
C LEU C 29 -10.95 -9.78 -20.70
N LEU C 30 -12.20 -10.21 -20.58
CA LEU C 30 -13.30 -9.55 -21.27
C LEU C 30 -13.37 -8.07 -20.89
N PHE C 31 -13.02 -7.77 -19.63
CA PHE C 31 -13.03 -6.39 -19.14
C PHE C 31 -12.00 -5.55 -19.88
N LEU C 32 -10.81 -6.12 -20.06
CA LEU C 32 -9.75 -5.44 -20.81
C LEU C 32 -10.20 -5.17 -22.24
N TYR C 33 -10.90 -6.14 -22.82
CA TYR C 33 -11.29 -6.08 -24.23
C TYR C 33 -12.42 -5.06 -24.43
N LEU C 34 -13.27 -4.92 -23.43
CA LEU C 34 -14.60 -4.35 -23.62
C LEU C 34 -14.50 -2.91 -24.13
N PRO C 35 -13.89 -2.03 -23.31
CA PRO C 35 -14.00 -0.59 -23.52
C PRO C 35 -13.50 -0.14 -24.89
N ARG C 36 -12.74 -1.01 -25.56
CA ARG C 36 -12.43 -0.83 -26.97
C ARG C 36 -13.72 -0.78 -27.80
N LYS C 37 -14.62 -1.73 -27.53
CA LYS C 37 -15.79 -1.92 -28.37
C LYS C 37 -16.96 -1.07 -27.85
N LEU C 38 -16.81 -0.52 -26.66
CA LEU C 38 -17.95 -0.18 -25.83
C LEU C 38 -18.17 1.33 -25.74
N ASP C 39 -17.11 2.09 -26.00
CA ASP C 39 -17.17 3.54 -25.89
C ASP C 39 -17.30 3.98 -24.44
N VAL C 40 -16.57 3.30 -23.56
CA VAL C 40 -16.32 3.79 -22.21
C VAL C 40 -14.82 3.89 -21.96
N PRO C 41 -14.40 4.83 -21.09
CA PRO C 41 -12.98 5.07 -20.92
C PRO C 41 -12.24 3.84 -20.40
N GLN C 42 -10.97 3.72 -20.76
CA GLN C 42 -10.22 2.49 -20.51
C GLN C 42 -10.08 2.24 -19.01
N LYS C 43 -10.01 3.32 -18.22
CA LYS C 43 -9.72 3.20 -16.80
C LYS C 43 -10.69 2.25 -16.13
N PHE C 44 -11.86 2.08 -16.73
CA PHE C 44 -12.91 1.25 -16.14
C PHE C 44 -12.68 -0.23 -16.45
N GLY C 45 -12.42 -0.55 -17.71
CA GLY C 45 -11.93 -1.86 -18.08
C GLY C 45 -10.77 -2.31 -17.22
N ILE C 46 -9.82 -1.39 -17.01
CA ILE C 46 -8.60 -1.69 -16.27
C ILE C 46 -8.93 -1.99 -14.81
N ILE C 47 -9.72 -1.13 -14.19
CA ILE C 47 -10.01 -1.23 -12.76
C ILE C 47 -10.75 -2.53 -12.45
N HIS C 48 -11.74 -2.87 -13.29
CA HIS C 48 -12.52 -4.08 -13.09
C HIS C 48 -11.67 -5.32 -13.33
N PHE C 49 -10.73 -5.22 -14.26
CA PHE C 49 -9.76 -6.28 -14.50
C PHE C 49 -9.04 -6.65 -13.19
N PHE C 50 -8.58 -5.62 -12.47
CA PHE C 50 -7.77 -5.84 -11.28
C PHE C 50 -8.63 -6.31 -10.12
N ILE C 51 -9.81 -5.71 -9.97
CA ILE C 51 -10.82 -6.21 -9.04
C ILE C 51 -10.90 -7.72 -9.11
N VAL C 52 -11.06 -8.23 -10.33
CA VAL C 52 -11.52 -9.59 -10.54
C VAL C 52 -10.34 -10.55 -10.52
N VAL C 53 -9.20 -10.08 -11.00
CA VAL C 53 -8.00 -10.90 -11.07
C VAL C 53 -7.34 -11.03 -9.70
N TRP C 54 -7.30 -9.92 -8.97
CA TRP C 54 -6.80 -9.94 -7.59
C TRP C 54 -7.66 -10.86 -6.72
N SER C 55 -8.97 -10.73 -6.82
CA SER C 55 -9.89 -11.60 -6.10
C SER C 55 -9.63 -13.06 -6.44
N GLY C 56 -9.63 -13.38 -7.73
CA GLY C 56 -9.30 -14.72 -8.20
C GLY C 56 -8.07 -15.26 -7.50
N LEU C 57 -6.96 -14.53 -7.64
CA LEU C 57 -5.67 -15.03 -7.18
C LEU C 57 -5.70 -15.36 -5.70
N MET C 58 -6.38 -14.53 -4.92
CA MET C 58 -6.41 -14.70 -3.47
C MET C 58 -7.19 -15.96 -3.08
N TYR C 59 -8.20 -16.29 -3.87
CA TYR C 59 -9.08 -17.42 -3.55
C TYR C 59 -8.40 -18.75 -3.85
N THR C 60 -7.27 -18.68 -4.56
CA THR C 60 -6.45 -19.87 -4.79
C THR C 60 -5.87 -20.40 -3.49
N ASN C 61 -5.90 -19.58 -2.45
CA ASN C 61 -5.36 -19.96 -1.15
C ASN C 61 -6.34 -20.87 -0.40
N PHE C 62 -7.56 -20.99 -0.92
CA PHE C 62 -8.52 -21.95 -0.40
C PHE C 62 -8.34 -23.32 -1.05
N LEU C 63 -7.88 -23.32 -2.30
CA LEU C 63 -7.58 -24.55 -3.01
C LEU C 63 -6.22 -25.11 -2.57
N ASN C 64 -5.29 -24.21 -2.28
CA ASN C 64 -3.96 -24.60 -1.82
C ASN C 64 -3.58 -23.85 -0.56
N GLN C 65 -3.28 -24.58 0.51
CA GLN C 65 -3.06 -23.99 1.81
C GLN C 65 -1.74 -23.23 1.85
N SER C 66 -1.82 -21.94 2.13
CA SER C 66 -0.65 -21.15 2.46
C SER C 66 -0.81 -20.51 3.83
N PHE C 67 0.19 -19.74 4.25
CA PHE C 67 0.09 -18.97 5.49
C PHE C 67 -0.99 -17.90 5.37
N LEU C 68 -1.46 -17.68 4.15
CA LEU C 68 -2.42 -16.62 3.87
C LEU C 68 -3.85 -17.10 4.13
N SER C 69 -4.04 -18.41 4.14
CA SER C 69 -5.31 -19.01 3.73
C SER C 69 -6.44 -18.61 4.68
N ASP C 70 -6.12 -18.51 5.96
CA ASP C 70 -7.12 -18.22 6.98
C ASP C 70 -7.61 -16.77 6.85
N TYR C 71 -6.84 -15.95 6.15
CA TYR C 71 -7.16 -14.53 6.03
C TYR C 71 -7.31 -14.12 4.56
N ALA C 72 -7.53 -15.11 3.71
CA ALA C 72 -7.58 -14.87 2.27
C ALA C 72 -8.73 -13.94 1.91
N TRP C 73 -9.79 -13.97 2.71
CA TRP C 73 -10.90 -13.06 2.55
C TRP C 73 -10.41 -11.61 2.60
N TYR C 74 -9.64 -11.29 3.64
CA TYR C 74 -9.27 -9.91 3.91
C TYR C 74 -8.13 -9.46 3.01
N MET C 75 -7.27 -10.41 2.63
CA MET C 75 -6.26 -10.18 1.61
C MET C 75 -6.92 -9.78 0.29
N ASP C 76 -8.07 -10.38 -0.01
CA ASP C 76 -8.78 -10.11 -1.25
C ASP C 76 -9.48 -8.77 -1.18
N TRP C 77 -10.36 -8.61 -0.20
CA TRP C 77 -11.21 -7.43 -0.10
C TRP C 77 -10.36 -6.18 0.15
N MET C 78 -9.20 -6.39 0.77
CA MET C 78 -8.25 -5.31 1.00
C MET C 78 -8.18 -4.37 -0.20
N VAL C 79 -7.96 -4.95 -1.38
CA VAL C 79 -7.64 -4.15 -2.56
C VAL C 79 -8.73 -4.24 -3.63
N SER C 80 -9.53 -5.30 -3.58
CA SER C 80 -10.63 -5.47 -4.52
C SER C 80 -11.72 -4.45 -4.26
N THR C 81 -12.05 -4.25 -2.98
CA THR C 81 -13.27 -3.54 -2.61
C THR C 81 -13.08 -2.03 -2.70
N PRO C 82 -11.85 -1.55 -2.46
CA PRO C 82 -11.54 -0.15 -2.74
C PRO C 82 -11.51 0.15 -4.23
N LEU C 83 -11.07 -0.82 -5.03
CA LEU C 83 -11.09 -0.68 -6.47
C LEU C 83 -12.52 -0.63 -6.99
N ILE C 84 -13.41 -1.41 -6.37
CA ILE C 84 -14.84 -1.34 -6.67
C ILE C 84 -15.36 0.07 -6.42
N LEU C 85 -15.01 0.63 -5.26
CA LEU C 85 -15.50 1.94 -4.87
C LEU C 85 -14.82 3.04 -5.69
N LEU C 86 -13.65 2.73 -6.24
CA LEU C 86 -12.99 3.62 -7.17
C LEU C 86 -13.73 3.64 -8.51
N ALA C 87 -14.03 2.45 -9.03
CA ALA C 87 -14.90 2.33 -10.20
C ALA C 87 -16.17 3.15 -10.01
N LEU C 88 -16.77 3.02 -8.83
CA LEU C 88 -18.05 3.68 -8.54
C LEU C 88 -17.84 5.19 -8.39
N GLY C 89 -16.70 5.58 -7.85
CA GLY C 89 -16.38 6.99 -7.68
C GLY C 89 -16.12 7.69 -9.00
N LEU C 90 -15.48 6.99 -9.92
CA LEU C 90 -15.03 7.59 -11.17
C LEU C 90 -16.18 7.67 -12.18
N THR C 91 -17.05 6.68 -12.12
CA THR C 91 -18.32 6.73 -12.85
C THR C 91 -19.05 8.03 -12.55
N ALA C 92 -19.22 8.29 -11.25
CA ALA C 92 -19.91 9.50 -10.80
C ALA C 92 -19.24 10.74 -11.38
N PHE C 93 -17.91 10.72 -11.45
CA PHE C 93 -17.14 11.85 -11.94
C PHE C 93 -17.36 12.05 -13.43
N HIS C 94 -17.77 10.97 -14.11
CA HIS C 94 -17.45 10.79 -15.52
C HIS C 94 -17.90 12.00 -16.34
N GLY C 95 -19.12 12.45 -16.10
CA GLY C 95 -19.72 13.51 -16.92
C GLY C 95 -19.66 14.86 -16.23
N ALA C 96 -19.15 14.87 -15.00
CA ALA C 96 -19.53 15.89 -14.03
C ALA C 96 -18.55 17.06 -14.06
N ASP C 97 -18.94 18.17 -13.42
CA ASP C 97 -18.16 19.40 -13.48
C ASP C 97 -17.04 19.38 -12.44
N THR C 98 -17.40 19.19 -11.18
CA THR C 98 -16.44 19.22 -10.09
C THR C 98 -16.05 17.82 -9.65
N LYS C 99 -14.78 17.49 -9.82
CA LYS C 99 -14.22 16.26 -9.28
C LYS C 99 -13.61 16.50 -7.91
N ARG C 100 -13.74 15.53 -7.02
CA ARG C 100 -13.33 15.72 -5.63
C ARG C 100 -12.55 14.51 -5.11
N TYR C 101 -11.24 14.60 -5.18
CA TYR C 101 -10.37 13.44 -5.03
C TYR C 101 -10.05 13.19 -3.56
N ASP C 102 -10.27 14.21 -2.73
CA ASP C 102 -10.18 14.03 -1.28
C ASP C 102 -11.28 13.08 -0.79
N LEU C 103 -12.41 13.10 -1.49
CA LEU C 103 -13.52 12.23 -1.15
C LEU C 103 -13.28 10.82 -1.65
N LEU C 104 -12.71 10.71 -2.84
CA LEU C 104 -12.23 9.42 -3.35
C LEU C 104 -11.35 8.73 -2.32
N GLY C 105 -10.33 9.45 -1.85
CA GLY C 105 -9.40 8.91 -0.86
C GLY C 105 -10.11 8.45 0.40
N ALA C 106 -10.99 9.29 0.91
CA ALA C 106 -11.83 8.92 2.05
C ALA C 106 -12.63 7.67 1.76
N LEU C 107 -13.37 7.69 0.66
CA LEU C 107 -14.09 6.51 0.19
C LEU C 107 -13.20 5.27 0.26
N LEU C 108 -12.04 5.34 -0.40
CA LEU C 108 -11.19 4.17 -0.56
C LEU C 108 -10.54 3.80 0.77
N GLY C 109 -10.09 4.82 1.51
CA GLY C 109 -9.41 4.60 2.78
C GLY C 109 -10.30 3.89 3.79
N ALA C 110 -11.57 4.28 3.83
CA ALA C 110 -12.52 3.70 4.76
C ALA C 110 -12.70 2.21 4.49
N GLU C 111 -12.90 1.88 3.21
CA GLU C 111 -13.05 0.48 2.80
C GLU C 111 -11.88 -0.34 3.29
N PHE C 112 -10.68 0.10 2.95
CA PHE C 112 -9.46 -0.60 3.33
C PHE C 112 -9.45 -0.89 4.82
N THR C 113 -9.67 0.15 5.64
CA THR C 113 -9.62 0.02 7.09
C THR C 113 -10.72 -0.92 7.57
N LEU C 114 -11.92 -0.66 7.06
CA LEU C 114 -13.07 -1.55 7.22
C LEU C 114 -12.67 -3.01 7.10
N VAL C 115 -11.99 -3.35 6.01
CA VAL C 115 -11.62 -4.73 5.73
C VAL C 115 -10.54 -5.21 6.69
N ILE C 116 -9.70 -4.28 7.15
CA ILE C 116 -8.64 -4.64 8.09
C ILE C 116 -9.22 -4.94 9.46
N THR C 117 -10.36 -4.32 9.79
CA THR C 117 -11.03 -4.60 11.06
C THR C 117 -11.55 -6.03 11.10
N GLY C 118 -12.16 -6.46 10.00
CA GLY C 118 -12.46 -7.88 9.81
C GLY C 118 -11.26 -8.75 10.12
N LEU C 119 -10.19 -8.55 9.37
CA LEU C 119 -8.89 -9.14 9.67
C LEU C 119 -8.62 -9.15 11.18
N LEU C 120 -8.76 -7.99 11.82
CA LEU C 120 -8.44 -7.85 13.24
C LEU C 120 -9.44 -8.62 14.10
N ALA C 121 -10.72 -8.47 13.79
CA ALA C 121 -11.78 -9.20 14.49
C ALA C 121 -11.41 -10.68 14.59
N GLN C 122 -11.09 -11.28 13.46
CA GLN C 122 -10.87 -12.72 13.39
C GLN C 122 -9.58 -13.10 14.12
N ALA C 123 -8.51 -12.35 13.86
CA ALA C 123 -7.20 -12.65 14.43
C ALA C 123 -7.25 -12.52 15.95
N GLN C 124 -7.96 -11.52 16.44
CA GLN C 124 -8.05 -11.26 17.86
C GLN C 124 -9.04 -12.23 18.52
N GLY C 125 -9.94 -12.78 17.72
CA GLY C 125 -11.14 -13.42 18.24
C GLY C 125 -11.98 -12.48 19.07
N SER C 126 -12.12 -11.25 18.60
CA SER C 126 -12.83 -10.21 19.33
C SER C 126 -13.65 -9.34 18.39
N ILE C 127 -14.85 -8.97 18.83
CA ILE C 127 -15.82 -8.34 17.95
C ILE C 127 -15.63 -6.82 17.91
N THR C 128 -14.82 -6.31 18.84
CA THR C 128 -14.72 -4.87 19.03
C THR C 128 -14.33 -4.17 17.72
N PRO C 129 -13.33 -4.72 17.01
CA PRO C 129 -12.96 -4.10 15.75
C PRO C 129 -14.08 -4.16 14.73
N TYR C 130 -14.86 -5.24 14.76
CA TYR C 130 -15.95 -5.44 13.82
C TYR C 130 -16.94 -4.28 13.88
N TYR C 131 -17.18 -3.78 15.08
CA TYR C 131 -18.11 -2.67 15.27
C TYR C 131 -17.58 -1.40 14.62
N VAL C 132 -16.29 -1.14 14.82
CA VAL C 132 -15.63 -0.02 14.16
C VAL C 132 -15.76 -0.15 12.65
N GLY C 133 -15.61 -1.37 12.16
CA GLY C 133 -15.77 -1.65 10.73
C GLY C 133 -17.14 -1.25 10.22
N VAL C 134 -18.17 -1.63 10.97
CA VAL C 134 -19.55 -1.38 10.55
C VAL C 134 -19.86 0.10 10.53
N LEU C 135 -19.30 0.83 11.49
CA LEU C 135 -19.42 2.28 11.53
C LEU C 135 -18.78 2.91 10.30
N LEU C 136 -17.65 2.36 9.88
CA LEU C 136 -16.94 2.85 8.69
C LEU C 136 -17.76 2.57 7.43
N LEU C 137 -18.36 1.39 7.36
CA LEU C 137 -19.16 0.99 6.20
C LEU C 137 -20.36 1.92 6.05
N LEU C 138 -20.98 2.27 7.17
CA LEU C 138 -22.02 3.29 7.19
C LEU C 138 -21.49 4.61 6.65
N GLY C 139 -20.25 4.92 7.01
CA GLY C 139 -19.59 6.13 6.50
C GLY C 139 -19.40 6.06 4.99
N VAL C 140 -18.96 4.91 4.51
CA VAL C 140 -18.86 4.68 3.07
C VAL C 140 -20.21 4.91 2.40
N VAL C 141 -21.24 4.27 2.95
CA VAL C 141 -22.58 4.35 2.39
C VAL C 141 -23.06 5.80 2.35
N TYR C 142 -22.86 6.52 3.45
CA TYR C 142 -23.16 7.94 3.50
C TYR C 142 -22.46 8.66 2.35
N LEU C 143 -21.17 8.41 2.21
CA LEU C 143 -20.37 9.05 1.17
C LEU C 143 -20.99 8.81 -0.20
N LEU C 144 -21.39 7.57 -0.45
CA LEU C 144 -21.96 7.18 -1.73
C LEU C 144 -23.33 7.85 -1.91
N ALA C 145 -24.12 7.82 -0.84
CA ALA C 145 -25.53 8.19 -0.94
C ALA C 145 -25.69 9.69 -1.18
N LYS C 146 -24.77 10.48 -0.62
CA LYS C 146 -24.89 11.94 -0.68
C LYS C 146 -23.85 12.55 -1.60
N PRO C 147 -22.64 12.80 -1.06
CA PRO C 147 -21.66 13.63 -1.76
C PRO C 147 -21.41 13.17 -3.19
N PHE C 148 -21.22 11.87 -3.37
CA PHE C 148 -20.92 11.32 -4.69
C PHE C 148 -22.15 11.34 -5.58
N ARG C 149 -23.32 11.18 -4.98
CA ARG C 149 -24.58 11.32 -5.71
C ARG C 149 -24.69 12.72 -6.32
N GLU C 150 -24.47 13.73 -5.48
CA GLU C 150 -24.55 15.11 -5.93
C GLU C 150 -23.61 15.35 -7.10
N ILE C 151 -22.36 14.94 -6.94
CA ILE C 151 -21.37 15.08 -8.01
C ILE C 151 -21.87 14.42 -9.28
N ALA C 152 -22.52 13.27 -9.13
CA ALA C 152 -23.03 12.53 -10.27
C ALA C 152 -24.19 13.28 -10.93
N GLU C 153 -24.90 14.07 -10.14
CA GLU C 153 -26.09 14.79 -10.62
C GLU C 153 -25.67 16.03 -11.39
N GLU C 154 -24.42 16.43 -11.24
CA GLU C 154 -23.85 17.53 -12.02
C GLU C 154 -23.84 17.18 -13.50
N SER C 155 -23.66 15.90 -13.79
CA SER C 155 -23.45 15.46 -15.17
C SER C 155 -24.78 15.11 -15.83
N SER C 156 -24.71 14.27 -16.85
CA SER C 156 -25.88 13.96 -17.67
C SER C 156 -26.90 13.17 -16.87
N ASP C 157 -28.15 13.22 -17.31
CA ASP C 157 -29.24 12.57 -16.59
C ASP C 157 -29.08 11.05 -16.62
N GLY C 158 -28.56 10.53 -17.72
CA GLY C 158 -28.33 9.09 -17.85
C GLY C 158 -27.29 8.59 -16.87
N LEU C 159 -26.16 9.30 -16.82
CA LEU C 159 -25.05 8.87 -15.98
C LEU C 159 -25.43 8.94 -14.49
N ALA C 160 -26.12 10.00 -14.12
CA ALA C 160 -26.56 10.18 -12.74
C ALA C 160 -27.48 9.04 -12.32
N ARG C 161 -28.34 8.60 -13.24
CA ARG C 161 -29.17 7.41 -13.02
C ARG C 161 -28.29 6.17 -12.92
N ALA C 162 -27.28 6.09 -13.78
CA ALA C 162 -26.35 4.97 -13.76
C ALA C 162 -25.66 4.86 -12.40
N TYR C 163 -25.20 6.00 -11.89
CA TYR C 163 -24.55 6.04 -10.59
C TYR C 163 -25.49 5.53 -9.50
N LYS C 164 -26.68 6.13 -9.44
CA LYS C 164 -27.68 5.74 -8.45
C LYS C 164 -27.89 4.23 -8.49
N ILE C 165 -28.01 3.68 -9.68
CA ILE C 165 -28.25 2.24 -9.85
C ILE C 165 -27.08 1.45 -9.29
N LEU C 166 -25.87 1.79 -9.74
CA LEU C 166 -24.66 1.12 -9.29
C LEU C 166 -24.47 1.28 -7.79
N ALA C 167 -24.76 2.48 -7.29
CA ALA C 167 -24.45 2.83 -5.90
C ALA C 167 -25.32 2.04 -4.93
N GLY C 168 -26.62 1.99 -5.22
CA GLY C 168 -27.55 1.22 -4.40
C GLY C 168 -27.28 -0.27 -4.49
N TYR C 169 -27.02 -0.75 -5.70
CA TYR C 169 -26.49 -2.08 -5.90
C TYR C 169 -25.32 -2.36 -4.95
N ILE C 170 -24.24 -1.62 -5.14
CA ILE C 170 -23.02 -1.85 -4.38
C ILE C 170 -23.24 -1.59 -2.89
N GLY C 171 -23.99 -0.52 -2.59
CA GLY C 171 -24.39 -0.24 -1.22
C GLY C 171 -24.93 -1.46 -0.50
N ILE C 172 -25.97 -2.07 -1.08
CA ILE C 172 -26.77 -3.05 -0.37
C ILE C 172 -26.05 -4.39 -0.31
N PHE C 173 -25.32 -4.71 -1.38
CA PHE C 173 -24.47 -5.89 -1.41
C PHE C 173 -23.37 -5.80 -0.36
N PHE C 174 -22.83 -4.60 -0.19
CA PHE C 174 -21.78 -4.37 0.80
C PHE C 174 -22.29 -4.65 2.20
N LEU C 175 -23.54 -4.29 2.46
CA LEU C 175 -24.11 -4.40 3.81
C LEU C 175 -24.42 -5.84 4.15
N SER C 176 -24.45 -6.70 3.13
CA SER C 176 -24.68 -8.13 3.34
C SER C 176 -23.45 -8.80 3.95
N TYR C 177 -22.28 -8.22 3.70
CA TYR C 177 -21.03 -8.90 4.00
C TYR C 177 -20.79 -9.03 5.50
N PRO C 178 -20.89 -7.90 6.23
CA PRO C 178 -20.80 -7.95 7.68
C PRO C 178 -21.95 -8.73 8.31
N THR C 179 -23.02 -8.92 7.55
CA THR C 179 -24.12 -9.77 7.99
C THR C 179 -23.69 -11.23 8.04
N VAL C 180 -23.35 -11.81 6.89
CA VAL C 180 -22.99 -13.22 6.83
C VAL C 180 -21.69 -13.50 7.61
N TRP C 181 -20.89 -12.46 7.78
CA TRP C 181 -19.68 -12.57 8.61
C TRP C 181 -20.07 -12.74 10.08
N TYR C 182 -21.06 -11.96 10.53
CA TYR C 182 -21.49 -12.01 11.92
C TYR C 182 -22.21 -13.32 12.22
N ILE C 183 -23.12 -13.72 11.33
CA ILE C 183 -24.00 -14.85 11.61
C ILE C 183 -23.32 -16.18 11.29
N SER C 184 -22.13 -16.12 10.70
CA SER C 184 -21.33 -17.32 10.52
C SER C 184 -20.99 -17.96 11.86
N GLY C 185 -21.07 -19.29 11.91
CA GLY C 185 -20.77 -20.01 13.13
C GLY C 185 -19.47 -20.78 13.04
N ILE C 186 -18.63 -20.39 12.08
CA ILE C 186 -17.20 -20.66 12.16
C ILE C 186 -16.65 -20.21 13.51
N ASP C 187 -16.02 -21.13 14.22
CA ASP C 187 -15.61 -20.90 15.61
C ASP C 187 -14.68 -19.70 15.70
N ALA C 188 -13.75 -19.61 14.74
CA ALA C 188 -12.78 -18.52 14.72
C ALA C 188 -13.48 -17.17 14.81
N LEU C 189 -14.46 -16.95 13.93
CA LEU C 189 -15.12 -15.66 13.84
C LEU C 189 -15.94 -15.38 15.10
N PRO C 190 -15.73 -14.19 15.69
CA PRO C 190 -16.26 -13.88 17.02
C PRO C 190 -17.70 -13.38 16.97
N GLY C 191 -18.31 -13.40 15.79
CA GLY C 191 -19.76 -13.33 15.67
C GLY C 191 -20.45 -14.24 16.67
N SER C 192 -21.43 -13.69 17.40
CA SER C 192 -22.02 -14.39 18.53
C SER C 192 -23.38 -14.97 18.16
N LEU C 193 -23.79 -14.76 16.92
CA LEU C 193 -24.75 -15.64 16.27
C LEU C 193 -24.04 -16.75 15.49
N ASN C 194 -24.67 -17.91 15.41
CA ASN C 194 -24.06 -19.07 14.76
C ASN C 194 -25.06 -19.76 13.85
N ILE C 195 -25.26 -19.20 12.66
CA ILE C 195 -26.38 -19.58 11.80
C ILE C 195 -25.87 -20.31 10.56
N LEU C 196 -24.76 -19.82 10.03
CA LEU C 196 -24.14 -20.43 8.85
C LEU C 196 -22.96 -21.31 9.25
N ASP C 197 -22.92 -22.52 8.71
CA ASP C 197 -21.76 -23.40 8.88
C ASP C 197 -20.66 -23.02 7.90
N PRO C 198 -19.46 -23.59 8.09
CA PRO C 198 -18.28 -23.09 7.38
C PRO C 198 -18.46 -23.11 5.88
N THR C 199 -19.05 -24.18 5.38
CA THR C 199 -19.24 -24.36 3.94
C THR C 199 -20.25 -23.37 3.39
N GLN C 200 -21.37 -23.23 4.11
CA GLN C 200 -22.34 -22.19 3.79
C GLN C 200 -21.69 -20.81 3.78
N THR C 201 -21.18 -20.40 4.93
CA THR C 201 -20.40 -19.16 5.03
C THR C 201 -19.52 -18.99 3.79
N SER C 202 -18.71 -19.99 3.50
CA SER C 202 -17.75 -19.92 2.40
C SER C 202 -18.49 -19.67 1.08
N ILE C 203 -19.63 -20.31 0.91
CA ILE C 203 -20.35 -20.27 -0.36
C ILE C 203 -21.06 -18.93 -0.55
N ALA C 204 -21.60 -18.40 0.53
CA ALA C 204 -22.12 -17.03 0.53
C ALA C 204 -21.04 -16.06 0.05
N LEU C 205 -19.85 -16.17 0.63
CA LEU C 205 -18.74 -15.28 0.29
C LEU C 205 -18.03 -15.80 -0.96
N VAL C 206 -18.78 -16.49 -1.81
CA VAL C 206 -18.39 -16.67 -3.20
C VAL C 206 -19.46 -16.10 -4.12
N VAL C 207 -20.72 -16.43 -3.84
CA VAL C 207 -21.83 -15.92 -4.64
C VAL C 207 -21.93 -14.41 -4.52
N LEU C 208 -21.82 -13.89 -3.31
CA LEU C 208 -21.92 -12.45 -3.08
C LEU C 208 -20.86 -11.69 -3.88
N PRO C 209 -19.59 -12.11 -3.73
CA PRO C 209 -18.50 -11.52 -4.52
C PRO C 209 -18.77 -11.57 -6.02
N PHE C 210 -19.34 -12.68 -6.48
CA PHE C 210 -19.63 -12.86 -7.90
C PHE C 210 -20.48 -11.71 -8.43
N PHE C 211 -21.45 -11.28 -7.62
CA PHE C 211 -22.34 -10.19 -8.01
C PHE C 211 -21.64 -8.85 -7.90
N CYS C 212 -20.66 -8.76 -7.00
CA CYS C 212 -20.05 -7.49 -6.64
C CYS C 212 -18.85 -7.18 -7.54
N LYS C 213 -18.43 -8.18 -8.31
CA LYS C 213 -17.22 -8.08 -9.10
C LYS C 213 -17.52 -8.43 -10.57
N GLN C 214 -17.78 -9.72 -10.83
CA GLN C 214 -17.98 -10.18 -12.20
C GLN C 214 -19.14 -9.44 -12.86
N VAL C 215 -20.29 -9.42 -12.18
CA VAL C 215 -21.45 -8.72 -12.69
C VAL C 215 -21.23 -7.20 -12.64
N TYR C 216 -20.78 -6.71 -11.50
CA TYR C 216 -20.54 -5.28 -11.31
C TYR C 216 -19.78 -4.71 -12.51
N GLY C 217 -18.69 -5.36 -12.89
CA GLY C 217 -17.86 -4.89 -13.99
C GLY C 217 -18.66 -4.64 -15.25
N PHE C 218 -19.42 -5.65 -15.67
CA PHE C 218 -20.28 -5.54 -16.84
C PHE C 218 -21.37 -4.49 -16.59
N LEU C 219 -21.99 -4.56 -15.42
CA LEU C 219 -23.05 -3.63 -15.05
C LEU C 219 -22.56 -2.19 -15.14
N ASP C 220 -21.37 -1.94 -14.60
CA ASP C 220 -20.80 -0.60 -14.59
C ASP C 220 -20.59 -0.11 -16.02
N MET C 221 -20.03 -0.97 -16.87
CA MET C 221 -19.46 -0.54 -18.14
C MET C 221 -20.53 -0.47 -19.24
N TYR C 222 -21.51 -1.35 -19.15
CA TYR C 222 -22.66 -1.29 -20.05
C TYR C 222 -23.54 -0.09 -19.71
N LEU C 223 -23.62 0.25 -18.42
CA LEU C 223 -24.49 1.32 -17.96
C LEU C 223 -23.95 2.69 -18.37
N ILE C 224 -22.63 2.79 -18.47
CA ILE C 224 -22.00 4.04 -18.89
C ILE C 224 -22.09 4.21 -20.41
N HIS C 225 -21.92 3.12 -21.13
CA HIS C 225 -22.14 3.12 -22.57
C HIS C 225 -23.58 3.50 -22.89
N LYS C 226 -24.52 2.87 -22.21
CA LYS C 226 -25.94 3.02 -22.54
C LYS C 226 -26.45 4.40 -22.13
N ALA C 227 -25.72 5.06 -21.23
CA ALA C 227 -26.00 6.44 -20.88
C ALA C 227 -25.59 7.37 -22.01
N GLU C 228 -24.40 7.12 -22.57
CA GLU C 228 -23.82 8.04 -23.54
C GLU C 228 -24.34 7.74 -24.94
N LEU C 229 -25.64 7.57 -25.06
CA LEU C 229 -26.29 7.42 -26.36
C LEU C 229 -27.35 8.49 -26.56
C1 RET D . 11.39 3.21 14.66
C2 RET D . 12.30 2.08 14.15
C3 RET D . 13.78 2.38 14.44
C4 RET D . 14.22 3.59 13.64
C5 RET D . 13.19 4.72 13.72
C6 RET D . 11.92 4.57 14.20
C7 RET D . 11.05 5.73 14.26
C8 RET D . 9.76 5.61 14.68
C9 RET D . 8.89 6.76 14.63
C10 RET D . 7.58 6.69 15.09
C11 RET D . 6.68 7.77 15.16
C12 RET D . 5.43 7.34 15.59
C13 RET D . 4.26 8.12 15.66
C14 RET D . 3.05 7.56 16.08
C15 RET D . 1.81 8.17 16.09
C16 RET D . 9.99 3.03 14.07
C17 RET D . 11.33 3.20 16.18
C18 RET D . 13.63 6.12 13.27
C19 RET D . 9.43 8.09 14.11
C20 RET D . 4.32 9.60 15.27
C5 LFA E . -6.90 13.38 27.32
C6 LFA E . -7.40 12.41 28.38
C7 LFA E . -6.32 11.39 28.70
C8 LFA E . -6.80 10.48 29.82
C9 LFA E . -5.75 9.42 30.14
C10 LFA E . -6.13 8.71 31.43
C11 LFA E . -5.37 7.38 31.57
C12 LFA E . -4.83 7.26 33.00
C13 LFA E . -4.85 5.81 33.46
C14 LFA E . -3.66 5.57 34.41
C15 LFA E . -3.92 4.34 35.28
C16 LFA E . -2.59 3.64 35.57
C17 LFA E . -2.76 2.59 36.67
C18 LFA E . -1.70 1.51 36.51
C19 LFA E . -1.40 0.87 37.86
C20 LFA E . -2.67 0.19 38.41
C7 LFA F . -11.66 11.82 26.84
C8 LFA F . -12.45 10.86 27.74
C9 LFA F . -11.91 9.44 27.54
C10 LFA F . -11.43 8.89 28.89
C11 LFA F . -11.42 7.36 28.84
C12 LFA F . -10.77 6.81 30.11
C13 LFA F . -10.71 5.28 30.01
C14 LFA F . -10.07 4.70 31.27
C15 LFA F . -10.09 3.17 31.18
C16 LFA F . -9.89 2.56 32.56
C17 LFA F . -9.16 1.22 32.41
C18 LFA F . -10.01 0.10 33.02
C19 LFA F . -9.15 -1.16 33.14
C20 LFA F . -8.57 -1.51 31.77
C14 LFA G . -12.09 15.80 23.54
C15 LFA G . -12.02 16.90 22.47
C16 LFA G . -12.32 18.25 23.13
C17 LFA G . -11.08 19.14 23.05
C18 LFA G . -11.20 20.09 21.87
C19 LFA G . -10.09 21.14 21.94
C20 LFA G . -10.39 22.29 20.99
C12 LFA H . -11.30 16.08 30.32
C13 LFA H . -10.31 15.13 30.98
C14 LFA H . -10.92 13.74 31.08
C15 LFA H . -10.08 12.88 32.03
C16 LFA H . -10.65 11.47 32.09
C17 LFA H . -9.68 10.57 32.86
C18 LFA H . -10.21 9.14 32.91
C19 LFA H . -9.33 8.32 33.85
C20 LFA H . -9.74 6.85 33.79
C1 LFA I . -20.30 7.08 25.97
C2 LFA I . -20.93 6.09 26.95
C3 LFA I . -19.96 5.86 28.11
C4 LFA I . -20.19 4.45 28.68
C5 LFA I . -19.07 4.10 29.64
C6 LFA I . -19.09 2.59 29.90
C7 LFA I . -17.67 2.10 30.15
C1 LFA J . 2.60 11.29 -4.29
C2 LFA J . 2.38 10.55 -2.97
C3 LFA J . 3.00 9.15 -3.08
C4 LFA J . 2.55 8.32 -1.87
C5 LFA J . 3.71 7.44 -1.40
C6 LFA J . 3.14 6.19 -0.74
C7 LFA J . 3.91 5.88 0.55
C8 LFA J . 3.41 4.56 1.13
C9 LFA J . 3.62 3.44 0.11
C10 LFA J . 3.22 2.10 0.72
C11 LFA J . 3.59 0.97 -0.23
C12 LFA J . 2.50 -0.10 -0.21
C13 LFA J . 3.13 -1.48 -0.17
CAR MUN K . 4.17 -4.74 4.05
CAQ MUN K . 5.70 -4.70 3.95
CAP MUN K . 6.30 -5.65 4.99
CAO MUN K . 5.48 -5.59 6.27
CAN MUN K . 5.13 -7.01 6.73
CAM MUN K . 3.80 -6.98 7.49
CAK MUN K . 3.69 -8.24 8.35
CAH MUN K . 3.38 -7.83 9.79
CAF MUN K . 2.92 -9.07 10.59
CAC MUN K . 3.92 -10.22 10.64
CAA MUN K . 3.46 -11.46 11.40
OAD MUN K . 2.26 -11.67 11.60
OAB MUN K . 4.45 -12.32 11.78
CAE MUN K . 4.69 -12.17 13.17
CAG MUN K . 4.47 -13.51 13.88
OAJ MUN K . 3.38 -14.19 13.26
CAI MUN K . 5.74 -14.36 13.76
OAL MUN K . 6.43 -14.37 15.01
CAR MUN L . -9.74 13.83 23.12
CAQ MUN L . -9.44 15.33 23.10
CAP MUN L . -7.93 15.54 22.98
CAO MUN L . -7.56 16.92 23.54
CAN MUN L . -6.60 17.61 22.58
CAM MUN L . -7.26 18.91 22.08
CAK MUN L . -6.36 20.10 22.41
CAH MUN L . -5.52 20.46 21.19
CAF MUN L . -5.18 21.95 21.21
CAC MUN L . -5.83 22.80 20.13
CAA MUN L . -5.40 24.27 20.10
OAD MUN L . -5.00 24.83 21.13
OAB MUN L . -5.68 24.93 18.95
CAE MUN L . -5.90 26.32 19.23
CAG MUN L . -4.67 27.12 18.80
OAJ MUN L . -4.03 26.48 17.70
CAI MUN L . -5.10 28.53 18.39
OAL MUN L . -6.23 28.44 17.52
CAN MUN M . 1.37 4.66 3.06
CAM MUN M . 0.17 5.53 3.42
CAK MUN M . -0.30 6.30 2.19
CAH MUN M . -1.82 6.20 2.08
CAF MUN M . -2.35 7.12 0.97
CAC MUN M . -1.84 8.57 0.97
CAA MUN M . -2.07 9.34 -0.33
OAD MUN M . -2.76 8.85 -1.24
OAB MUN M . -1.64 10.62 -0.33
CAE MUN M . -1.21 10.99 -1.65
CAG MUN M . -2.01 12.18 -2.15
OAJ MUN M . -2.84 12.68 -1.09
CAI MUN M . -1.06 13.28 -2.63
OAL MUN M . -1.79 14.24 -3.41
CAR MUN N . 9.12 2.64 0.34
CAQ MUN N . 8.19 3.23 -0.73
CAP MUN N . 8.67 4.63 -1.09
CAO MUN N . 7.89 5.15 -2.30
CAN MUN N . 8.12 6.65 -2.41
CAM MUN N . 8.38 7.01 -3.87
CAK MUN N . 7.49 8.19 -4.25
CAH MUN N . 8.32 9.23 -5.01
CAF MUN N . 7.68 9.45 -6.38
CAC MUN N . 7.46 10.93 -6.75
CAA MUN N . 6.24 11.20 -7.64
OAD MUN N . 5.64 10.28 -8.20
OAB MUN N . 6.06 12.51 -7.97
CAE MUN N . 5.11 12.59 -9.03
CAG MUN N . 4.87 14.05 -9.42
OAJ MUN N . 5.98 14.84 -8.98
CAI MUN N . 4.73 14.16 -10.93
OAL MUN N . 4.81 15.54 -11.32
CAR MUN O . -4.77 3.40 4.66
CAQ MUN O . -6.03 3.87 5.39
CAP MUN O . -6.41 5.27 4.88
CAO MUN O . -5.14 6.07 4.65
CAN MUN O . -5.39 7.09 3.53
CAM MUN O . -6.89 7.42 3.49
CAK MUN O . -7.05 8.94 3.49
CAH MUN O . -6.06 9.54 2.50
CAF MUN O . -6.73 10.71 1.75
CAC MUN O . -5.86 11.96 1.63
CAA MUN O . -6.53 13.15 0.94
OAD MUN O . -7.75 13.22 0.84
OAB MUN O . -5.66 14.09 0.47
CAE MUN O . -5.66 14.05 -0.96
CAG MUN O . -6.10 15.40 -1.51
OAJ MUN O . -5.04 16.35 -1.35
CAI MUN O . -6.45 15.26 -2.99
OAL MUN O . -6.56 16.56 -3.59
CAR MUN P . 21.49 4.92 3.27
CAQ MUN P . 22.39 4.64 4.49
CAP MUN P . 23.79 4.29 4.01
CAO MUN P . 24.31 3.10 4.81
CAN MUN P . 23.69 3.12 6.21
CAM MUN P . 24.06 1.84 6.95
CAK MUN P . 25.37 2.06 7.73
CAH MUN P . 25.16 1.65 9.19
CAF MUN P . 25.93 0.36 9.48
CAC MUN P . 25.59 -0.32 10.79
CAA MUN P . 26.35 -1.61 11.10
OAD MUN P . 26.79 -2.30 10.19
OAB MUN P . 26.35 -1.99 12.41
CAE MUN P . 26.03 -3.37 12.51
CAG MUN P . 26.70 -3.95 13.76
OAJ MUN P . 26.57 -3.03 14.84
CAI MUN P . 26.02 -5.27 14.14
OAL MUN P . 26.61 -6.34 13.39
CAK MUN Q . 26.11 3.90 11.90
CAH MUN Q . 26.32 3.29 13.28
CAF MUN Q . 27.54 2.36 13.26
CAC MUN Q . 27.76 1.53 14.53
CAA MUN Q . 28.98 0.59 14.50
OAD MUN Q . 29.92 0.81 13.74
OAB MUN Q . 28.93 -0.44 15.39
CAE MUN Q . 29.42 -1.63 14.76
CAG MUN Q . 29.95 -2.60 15.82
OAJ MUN Q . 31.38 -2.52 15.88
CAI MUN Q . 29.38 -2.23 17.20
OAL MUN Q . 30.17 -2.85 18.22
CAR MUN R . -15.92 10.76 26.89
CAQ MUN R . -15.98 9.48 27.72
CAP MUN R . -16.66 8.38 26.92
CAO MUN R . -16.68 7.09 27.75
CAN MUN R . -15.52 7.11 28.74
CAM MUN R . -15.64 5.90 29.69
CAK MUN R . -14.27 5.59 30.29
CAH MUN R . -14.42 5.37 31.79
CAF MUN R . -14.74 3.90 32.07
CAC MUN R . -13.89 3.24 33.15
CAA MUN R . -14.30 1.81 33.53
OAD MUN R . -14.82 1.06 32.71
OAB MUN R . -13.83 1.40 34.75
CAE MUN R . -14.08 0.00 34.93
CAG MUN R . -13.09 -0.54 35.98
OAJ MUN R . -13.76 -0.69 37.23
CAI MUN R . -12.56 -1.90 35.53
OAL MUN R . -11.43 -2.26 36.32
CAR MUN S . 5.51 14.18 27.08
CAQ MUN S . 5.63 13.42 28.41
CAP MUN S . 6.35 12.10 28.18
CAO MUN S . 5.72 11.02 29.07
CAN MUN S . 6.66 9.82 29.18
CAM MUN S . 5.85 8.60 29.63
CAK MUN S . 6.38 8.10 30.97
CAH MUN S . 7.07 6.75 30.78
CAF MUN S . 7.96 6.42 31.99
CAC MUN S . 9.46 6.67 31.79
CAA MUN S . 10.40 6.31 32.95
OAD MUN S . 9.97 6.24 34.11
OAB MUN S . 11.73 6.28 32.64
CAE MUN S . 12.50 6.59 33.81
CAG MUN S . 13.30 5.35 34.23
OAJ MUN S . 12.80 4.20 33.54
CAI MUN S . 14.77 5.56 33.87
OAL MUN S . 15.60 5.19 34.98
CAN MUN T . -14.97 19.85 25.98
CAM MUN T . -13.95 20.89 25.52
CAK MUN T . -14.68 21.99 24.73
CAH MUN T . -13.67 23.07 24.31
CAF MUN T . -14.32 23.99 23.27
CAC MUN T . -13.54 25.27 22.95
CAA MUN T . -13.89 25.93 21.61
OAD MUN T . -14.87 25.57 20.95
OAB MUN T . -13.19 27.08 21.35
CAE MUN T . -12.45 26.94 20.14
CAG MUN T . -13.06 27.82 19.05
OAJ MUN T . -14.16 28.57 19.60
CAI MUN T . -12.01 28.80 18.52
OAL MUN T . -12.63 29.81 17.74
CAN MUN U . -14.96 3.56 21.27
CAM MUN U . -14.24 2.27 20.88
CAK MUN U . -14.31 1.27 22.04
CAH MUN U . -13.12 1.50 22.97
CAF MUN U . -12.21 0.26 22.95
CAC MUN U . -12.84 -1.02 23.51
CAA MUN U . -11.91 -2.26 23.57
OAD MUN U . -10.99 -2.38 22.77
OAB MUN U . -12.40 -3.31 24.28
CAE MUN U . -12.15 -4.52 23.56
CAG MUN U . -11.41 -5.51 24.46
OAJ MUN U . -11.27 -4.96 25.77
CAI MUN U . -12.21 -6.81 24.53
OAL MUN U . -11.70 -7.62 25.60
CAQ MUN V . 15.09 10.90 1.98
CAP MUN V . 14.97 12.43 1.87
CAO MUN V . 15.83 12.93 0.71
CAN MUN V . 14.97 13.78 -0.23
CAM MUN V . 15.84 14.80 -0.96
CAK MUN V . 15.02 15.47 -2.06
CAH MUN V . 15.75 16.70 -2.61
CAF MUN V . 16.15 17.64 -1.47
CAC MUN V . 15.52 19.06 -1.51
CAA MUN V . 15.27 19.66 -2.92
OAD MUN V . 14.99 18.91 -3.86
OAB MUN V . 15.02 21.01 -2.92
CAE MUN V . 14.58 21.45 -4.20
CAG MUN V . 14.42 22.98 -4.18
OAJ MUN V . 15.38 23.54 -3.28
CAI MUN V . 14.64 23.53 -5.59
OAL MUN V . 14.95 24.92 -5.50
CAP MUN W . 21.17 16.71 12.35
CAO MUN W . 20.49 17.61 11.31
CAN MUN W . 19.59 16.75 10.40
CAM MUN W . 18.48 17.63 9.83
CAK MUN W . 19.09 18.76 9.01
CAH MUN W . 18.55 20.10 9.49
CAF MUN W . 18.59 21.10 8.32
CAC MUN W . 17.99 22.49 8.59
CAA MUN W . 18.42 23.60 7.61
OAD MUN W . 19.06 23.31 6.60
OAB MUN W . 17.87 24.81 7.85
CAE MUN W . 18.42 25.77 6.93
CAG MUN W . 17.32 26.65 6.35
OAJ MUN W . 17.08 27.75 7.22
CAI MUN W . 17.73 27.15 4.97
OAL MUN W . 16.92 28.27 4.60
C1 RET X . 7.98 -13.67 -10.39
C2 RET X . 6.97 -14.79 -10.07
C3 RET X . 6.56 -15.57 -11.31
C4 RET X . 5.80 -14.66 -12.26
C5 RET X . 6.60 -13.37 -12.50
C6 RET X . 7.61 -12.94 -11.69
C7 RET X . 8.36 -11.75 -12.10
C8 RET X . 9.31 -11.21 -11.30
C9 RET X . 9.97 -9.99 -11.71
C10 RET X . 11.01 -9.45 -10.96
C11 RET X . 11.75 -8.30 -11.30
C12 RET X . 12.62 -7.98 -10.26
C13 RET X . 13.38 -6.79 -10.14
C14 RET X . 14.24 -6.64 -9.04
C15 RET X . 14.95 -5.49 -8.70
C16 RET X . 7.97 -12.64 -9.26
C17 RET X . 9.38 -14.26 -10.55
C18 RET X . 6.32 -12.60 -13.78
C19 RET X . 9.54 -9.29 -13.00
C20 RET X . 13.37 -5.74 -11.25
C9 LFA Y . 14.41 -5.51 -29.24
C10 LFA Y . 14.48 -4.03 -29.58
C11 LFA Y . 14.60 -3.22 -28.29
C12 LFA Y . 15.54 -2.04 -28.51
C13 LFA Y . 15.92 -1.43 -27.16
C14 LFA Y . 17.45 -1.27 -27.09
C15 LFA Y . 17.92 -1.39 -25.64
C16 LFA Y . 18.22 -2.85 -25.32
C17 LFA Y . 19.13 -2.96 -24.11
C18 LFA Y . 19.21 -4.41 -23.67
C19 LFA Y . 20.54 -4.69 -22.95
C20 LFA Y . 20.51 -6.09 -22.35
CAP MUN Z . -0.40 -7.28 0.16
CAO MUN Z . 0.98 -7.48 0.78
CAN MUN Z . 1.11 -8.92 1.28
CAM MUN Z . 2.34 -9.04 2.19
CAK MUN Z . 2.11 -10.14 3.23
CAH MUN Z . 3.22 -10.10 4.28
CAF MUN Z . 4.58 -10.26 3.58
CAC MUN Z . 5.28 -11.60 3.84
CAA MUN Z . 5.11 -12.17 5.24
OAD MUN Z . 4.12 -11.88 5.92
OAB MUN Z . 5.98 -13.16 5.57
CAE MUN Z . 5.29 -14.41 5.51
CAG MUN Z . 5.54 -15.18 6.81
OAJ MUN Z . 4.40 -15.06 7.67
CAI MUN Z . 5.77 -16.67 6.49
OAL MUN Z . 5.68 -17.43 7.68
CAR MUN AA . 8.16 -12.70 -25.28
CAQ MUN AA . 7.50 -11.35 -25.59
CAP MUN AA . 8.55 -10.37 -26.08
CAO MUN AA . 8.04 -9.67 -27.34
CAN MUN AA . 7.99 -8.16 -27.11
CAM MUN AA . 8.75 -7.44 -28.23
CAK MUN AA . 7.93 -6.24 -28.72
CAH MUN AA . 8.77 -5.44 -29.72
CAF MUN AA . 7.95 -5.14 -30.99
CAC MUN AA . 6.89 -4.03 -30.86
CAA MUN AA . 6.15 -3.67 -32.16
OAD MUN AA . 6.04 -4.49 -33.07
OAB MUN AA . 5.40 -2.53 -32.07
CAE MUN AA . 5.38 -1.87 -33.35
CAG MUN AA . 4.13 -0.99 -33.44
OAJ MUN AA . 4.42 0.16 -34.25
CAI MUN AA . 2.98 -1.79 -34.06
OAL MUN AA . 1.74 -1.13 -33.79
CAQ MUN BA . -1.55 -5.91 -17.38
CAP MUN BA . -2.22 -5.37 -18.64
CAO MUN BA . -3.33 -4.39 -18.25
CAN MUN BA . -3.56 -3.41 -19.40
CAM MUN BA . -3.36 -4.13 -20.73
CAK MUN BA . -4.31 -3.54 -21.78
CAH MUN BA . -4.65 -2.10 -21.40
CAF MUN BA . -4.01 -1.13 -22.39
CAC MUN BA . -4.97 -0.11 -23.02
CAA MUN BA . -4.53 0.59 -24.31
OAD MUN BA . -3.37 0.50 -24.72
OAB MUN BA . -5.41 1.53 -24.76
CAE MUN BA . -4.74 2.79 -24.89
CAG MUN BA . -4.41 3.04 -26.35
OAJ MUN BA . -3.99 4.40 -26.52
CAI MUN BA . -3.27 2.11 -26.80
OAL MUN BA . -2.76 2.55 -28.05
CAR MUN CA . -3.31 -4.80 -6.74
CAQ MUN CA . -4.22 -4.54 -7.94
CAP MUN CA . -4.42 -3.05 -8.10
CAO MUN CA . -3.60 -2.54 -9.29
CAN MUN CA . -3.83 -1.06 -9.46
CAM MUN CA . -5.33 -0.76 -9.29
CAK MUN CA . -5.65 0.52 -10.05
CAH MUN CA . -4.82 0.55 -11.33
CAF MUN CA . -5.41 1.59 -12.28
CAC MUN CA . -6.03 2.80 -11.58
CAA MUN CA . -6.67 3.83 -12.52
OAD MUN CA . -7.01 3.51 -13.67
OAB MUN CA . -6.79 5.08 -12.01
CAE MUN CA . -6.65 6.02 -13.07
CAG MUN CA . -7.59 7.21 -12.81
OAJ MUN CA . -7.29 7.78 -11.54
CAI MUN CA . -7.38 8.26 -13.90
OAL MUN CA . -8.07 9.46 -13.55
CAR MUN DA . 4.63 2.34 -2.51
CAQ MUN DA . 4.73 1.38 -3.70
CAP MUN DA . 4.19 2.08 -4.95
CAO MUN DA . 4.53 3.56 -4.89
CAN MUN DA . 3.32 4.39 -5.32
CAM MUN DA . 3.61 5.87 -5.11
CAK MUN DA . 3.34 6.63 -6.41
CAH MUN DA . 2.08 6.08 -7.06
CAF MUN DA . 1.48 7.12 -8.00
CAC MUN DA . 2.22 8.46 -8.06
CAA MUN DA . 2.01 9.27 -9.34
OAD MUN DA . 1.15 8.95 -10.15
OAB MUN DA . 2.70 10.44 -9.38
CAE MUN DA . 2.00 11.39 -10.19
CAG MUN DA . 0.70 11.79 -9.49
OAJ MUN DA . 0.94 12.90 -8.63
CAI MUN DA . -0.34 12.17 -10.55
OAL MUN DA . -0.34 13.59 -10.73
CAN MUN EA . 1.90 -0.20 -5.51
CAM MUN EA . 0.68 -0.73 -4.75
CAK MUN EA . -0.59 -0.39 -5.52
CAH MUN EA . -0.23 -0.09 -6.98
CAF MUN EA . -1.05 1.10 -7.49
CAC MUN EA . -0.30 2.43 -7.58
CAA MUN EA . -1.10 3.60 -8.15
OAD MUN EA . -2.33 3.60 -8.10
OAB MUN EA . -0.35 4.67 -8.53
CAE MUN EA . -0.44 4.84 -9.94
CAG MUN EA . -1.55 5.84 -10.27
OAJ MUN EA . -2.61 5.71 -9.33
CAI MUN EA . -0.98 7.27 -10.22
OAL MUN EA . -2.05 8.21 -10.39
CAR MUN FA . 32.31 1.07 -4.49
CAQ MUN FA . 32.30 -0.45 -4.51
CAP MUN FA . 32.06 -0.97 -3.09
CAO MUN FA . 31.97 -2.50 -3.13
CAN MUN FA . 31.97 -3.04 -1.70
CAM MUN FA . 31.54 -4.51 -1.72
CAK MUN FA . 32.36 -5.28 -0.69
CAH MUN FA . 31.47 -6.34 -0.02
CAF MUN FA . 32.31 -7.60 0.22
CAC MUN FA . 31.98 -8.36 1.51
CAA MUN FA . 32.90 -9.55 1.79
OAD MUN FA . 33.48 -10.12 0.88
OAB MUN FA . 32.78 -10.07 3.05
CAE MUN FA . 31.72 -11.02 3.05
CAG MUN FA . 31.91 -12.02 4.19
OAJ MUN FA . 33.26 -11.93 4.68
CAI MUN FA . 30.94 -11.70 5.32
OAL MUN FA . 31.00 -12.74 6.31
CAO MUN GA . 23.13 -1.57 5.19
CAN MUN GA . 24.63 -1.28 5.14
CAM MUN GA . 25.40 -2.58 5.35
CAK MUN GA . 24.96 -3.22 6.66
CAH MUN GA . 24.60 -4.68 6.42
CAF MUN GA . 25.11 -5.54 7.59
CAC MUN GA . 24.26 -6.77 7.92
CAA MUN GA . 24.74 -7.57 9.13
OAD MUN GA . 25.42 -7.04 10.01
OAB MUN GA . 24.38 -8.88 9.13
CAE MUN GA . 25.49 -9.67 9.56
CAG MUN GA . 25.02 -10.71 10.59
OAJ MUN GA . 25.53 -11.99 10.24
CAI MUN GA . 25.51 -10.32 11.97
OAL MUN GA . 25.56 -11.48 12.81
C1 RET HA . -16.18 -7.27 7.08
C2 RET HA . -16.08 -7.58 8.59
C3 RET HA . -15.74 -6.34 9.41
C4 RET HA . -16.89 -5.34 9.34
C5 RET HA . -17.29 -5.12 7.87
C6 RET HA . -16.87 -5.91 6.84
C7 RET HA . -17.24 -5.56 5.49
C8 RET HA . -16.90 -6.35 4.45
C9 RET HA . -17.22 -5.95 3.09
C10 RET HA . -16.87 -6.74 2.01
C11 RET HA . -17.18 -6.49 0.66
C12 RET HA . -16.60 -7.47 -0.14
C13 RET HA . -16.70 -7.55 -1.54
C14 RET HA . -16.04 -8.58 -2.22
C15 RET HA . -15.96 -8.76 -3.61
C16 RET HA . -14.79 -7.22 6.46
C17 RET HA . -17.02 -8.34 6.40
C18 RET HA . -18.10 -3.88 7.53
C19 RET HA . -18.01 -4.66 2.86
C20 RET HA . -17.59 -6.57 -2.31
C1 LFA IA . -26.01 -6.13 -18.08
C2 LFA IA . -25.08 -7.33 -17.97
C3 LFA IA . -25.33 -8.03 -16.63
C1 LFA JA . -31.57 -4.64 -20.86
C2 LFA JA . -31.13 -4.91 -19.42
C3 LFA JA . -30.60 -6.34 -19.32
C4 LFA JA . -30.37 -6.69 -17.85
C5 LFA JA . -30.26 -8.22 -17.71
C6 LFA JA . -29.69 -8.57 -16.35
C7 LFA JA . -29.34 -10.06 -16.31
C9 LFA KA . -6.03 -13.94 -17.03
C10 LFA KA . -6.68 -15.31 -16.83
C11 LFA KA . -5.81 -16.38 -17.50
C12 LFA KA . -5.31 -17.36 -16.44
C13 LFA KA . -4.68 -18.57 -17.10
C14 LFA KA . -4.93 -19.81 -16.24
C15 LFA KA . -3.95 -20.93 -16.59
C16 LFA KA . -3.67 -21.76 -15.34
C17 LFA KA . -3.38 -23.22 -15.71
C18 LFA KA . -4.12 -24.14 -14.75
C19 LFA KA . -3.19 -25.26 -14.28
C20 LFA KA . -4.02 -26.40 -13.69
C1 LFA LA . 2.61 -9.75 6.15
C2 LFA LA . 1.97 -10.77 7.09
C3 LFA LA . 2.92 -11.93 7.34
C4 LFA LA . 2.29 -12.91 8.32
C5 LFA LA . 3.32 -13.96 8.75
C6 LFA LA . 2.68 -14.90 9.78
C7 LFA LA . 3.66 -16.01 10.13
C8 LFA LA . 2.95 -17.07 10.99
C9 LFA LA . 3.97 -18.02 11.59
C1 LFA MA . -17.00 3.91 17.77
C2 LFA MA . -16.58 2.89 18.83
C3 LFA MA . -17.44 1.64 18.69
C4 LFA MA . -17.99 1.24 20.06
C5 LFA MA . -17.18 0.07 20.61
C6 LFA MA . -18.07 -0.81 21.49
C7 LFA MA . -17.22 -1.48 22.56
C8 LFA MA . -17.05 -2.95 22.22
C9 LFA MA . -17.20 -3.79 23.49
CAP MUN NA . -4.01 -1.10 -0.60
CAO MUN NA . -5.18 -0.18 -0.98
CAN MUN NA . -4.93 0.41 -2.37
CAM MUN NA . -5.86 -0.25 -3.38
CAK MUN NA . -5.65 0.39 -4.75
CAH MUN NA . -5.26 1.86 -4.56
CAF MUN NA . -5.19 2.54 -5.93
CAC MUN NA . -5.52 4.03 -5.95
CAA MUN NA . -5.02 4.81 -7.17
OAD MUN NA . -4.59 4.23 -8.16
OAB MUN NA . -5.32 6.14 -7.16
CAE MUN NA . -6.35 6.42 -8.11
CAG MUN NA . -7.11 7.67 -7.69
OAJ MUN NA . -7.09 7.80 -6.27
CAI MUN NA . -6.44 8.91 -8.31
OAL MUN NA . -7.42 9.95 -8.47
CAO MUN OA . -1.91 1.31 1.53
CAN MUN OA . -1.45 1.16 0.08
CAM MUN OA . -1.64 2.50 -0.64
CAK MUN OA . -0.90 2.46 -1.99
CAH MUN OA . -0.03 3.72 -2.11
CAF MUN OA . -0.33 4.45 -3.41
CAC MUN OA . -1.33 5.61 -3.31
CAA MUN OA . -1.54 6.41 -4.61
OAD MUN OA . -1.28 5.91 -5.70
OAB MUN OA . -2.09 7.63 -4.44
CAE MUN OA . -1.14 8.65 -4.76
CAG MUN OA . -1.56 9.38 -6.04
OAJ MUN OA . -2.99 9.57 -6.03
CAI MUN OA . -0.87 10.74 -6.12
OAL MUN OA . -1.67 11.72 -5.46
CAM MUN PA . -3.72 2.14 1.79
CAK MUN PA . -4.73 1.51 0.85
CAH MUN PA . -5.89 2.48 0.61
CAF MUN PA . -5.57 3.35 -0.61
CAC MUN PA . -6.08 4.80 -0.55
CAA MUN PA . -5.32 5.79 -1.43
OAD MUN PA . -4.45 5.41 -2.20
OAB MUN PA . -5.85 7.05 -1.46
CAE MUN PA . -5.97 7.47 -2.82
CAG MUN PA . -6.36 8.95 -2.87
OAJ MUN PA . -5.39 9.72 -2.14
CAI MUN PA . -6.40 9.43 -4.31
OAL MUN PA . -6.49 10.85 -4.35
CAR MUN QA . -2.56 -4.67 9.20
CAQ MUN QA . -2.24 -5.69 8.10
CAP MUN QA . -1.86 -4.95 6.82
CAO MUN QA . -1.44 -5.96 5.75
CAN MUN QA . -0.80 -7.17 6.42
CAM MUN QA . -1.51 -8.45 5.98
CAK MUN QA . -1.08 -9.61 6.88
CAH MUN QA . -0.75 -10.83 6.02
CAF MUN QA . -1.96 -11.76 5.95
CAC MUN QA . -2.02 -12.87 7.00
CAA MUN QA . -0.66 -13.43 7.46
OAD MUN QA . 0.36 -12.75 7.38
OAB MUN QA . -0.72 -14.65 8.05
CAE MUN QA . 0.24 -14.73 9.11
CAG MUN QA . -0.15 -15.85 10.08
OAJ MUN QA . -1.47 -15.61 10.58
CAI MUN QA . -0.12 -17.19 9.34
OAL MUN QA . -0.76 -18.19 10.14
CAR MUN RA . -17.02 8.06 7.29
CAQ MUN RA . -15.57 8.11 6.83
CAP MUN RA . -15.20 9.55 6.50
CAO MUN RA . -16.41 10.26 5.88
CAN MUN RA . -15.93 11.45 5.06
CAM MUN RA . -16.61 12.72 5.58
CAK MUN RA . -16.55 13.80 4.49
CAH MUN RA . -17.96 14.35 4.25
CAF MUN RA . -17.85 15.78 3.71
CAC MUN RA . -18.41 15.99 2.30
CAA MUN RA . -17.79 17.14 1.52
OAD MUN RA . -17.02 17.92 2.06
OAB MUN RA . -18.37 17.37 0.31
CAE MUN RA . -18.91 18.69 0.29
CAG MUN RA . -20.37 18.66 0.69
OAJ MUN RA . -20.51 17.96 1.94
CAI MUN RA . -20.90 20.08 0.85
OAL MUN RA . -20.40 20.90 -0.22
#